data_5K0L
#
_entry.id   5K0L
#
_cell.length_a   77.167
_cell.length_b   69.963
_cell.length_c   104.053
_cell.angle_alpha   90.000
_cell.angle_beta   94.180
_cell.angle_gamma   90.000
#
_symmetry.space_group_name_H-M   'P 1 21 1'
#
loop_
_entity.id
_entity.type
_entity.pdbx_description
1 polymer 'Catechol O-methyltransferase'
2 non-polymer 'MAGNESIUM ION'
3 non-polymer 5-{3-[1-(4-methoxyphenyl)cyclopropyl]-1H-pyrazol-5-yl}-2,4-dimethyl-1,3-thiazole
4 non-polymer '2-[N-CYCLOHEXYLAMINO]ETHANE SULFONIC ACID'
5 non-polymer 'POTASSIUM ION'
6 water water
#
_entity_poly.entity_id   1
_entity_poly.type   'polypeptide(L)'
_entity_poly.pdbx_seq_one_letter_code
;GDTKEQRILRYVQQNAKPGDPQSVLEAIDTYCTQKEWAMNVGDAKGQIMDAVIREYSPSLVLELGAYCGYSAVRMARLLQ
PGARLLTMEINPDCAAITQQMLNFAGLQDKVTILNGASQDLIPQLKKKYDVDTLDMVFLDHWKDRYLPDTLLLEKCGLLR
KGTVLLADNVIVPGTPDFLAYVRGSSSFECTHYSSYLEYMKVVDGLEKAIYQGPSSPDK
;
_entity_poly.pdbx_strand_id   A,B,C,D
#
loop_
_chem_comp.id
_chem_comp.type
_chem_comp.name
_chem_comp.formula
6P2 non-polymer 5-{3-[1-(4-methoxyphenyl)cyclopropyl]-1H-pyrazol-5-yl}-2,4-dimethyl-1,3-thiazole 'C18 H19 N3 O S'
K non-polymer 'POTASSIUM ION' 'K 1'
MG non-polymer 'MAGNESIUM ION' 'Mg 2'
NHE non-polymer '2-[N-CYCLOHEXYLAMINO]ETHANE SULFONIC ACID' 'C8 H17 N O3 S'
#
# COMPACT_ATOMS: atom_id res chain seq x y z
N GLY A 1 -19.21 10.59 25.15
CA GLY A 1 -19.02 9.22 24.70
C GLY A 1 -19.16 9.09 23.20
N ASP A 2 -18.60 10.05 22.47
CA ASP A 2 -18.71 10.12 21.01
C ASP A 2 -17.73 9.15 20.33
N THR A 3 -18.18 8.45 19.29
CA THR A 3 -17.29 7.54 18.57
C THR A 3 -17.28 7.85 17.08
N LYS A 4 -16.26 7.36 16.39
CA LYS A 4 -16.21 7.52 14.95
C LYS A 4 -17.48 6.98 14.28
N GLU A 5 -18.00 5.85 14.79
CA GLU A 5 -19.16 5.21 14.17
C GLU A 5 -20.44 6.02 14.41
N GLN A 6 -20.55 6.61 15.58
CA GLN A 6 -21.67 7.52 15.82
C GLN A 6 -21.57 8.73 14.89
N ARG A 7 -20.35 9.21 14.65
CA ARG A 7 -20.17 10.39 13.81
C ARG A 7 -20.54 10.09 12.37
N ILE A 8 -20.16 8.92 11.88
CA ILE A 8 -20.56 8.50 10.54
C ILE A 8 -22.09 8.50 10.38
N LEU A 9 -22.79 7.85 11.29
CA LEU A 9 -24.25 7.80 11.26
C LEU A 9 -24.85 9.20 11.32
N ARG A 10 -24.29 10.03 12.18
CA ARG A 10 -24.78 11.40 12.34
C ARG A 10 -24.63 12.14 11.03
N TYR A 11 -23.47 11.99 10.41
CA TYR A 11 -23.20 12.63 9.12
C TYR A 11 -24.21 12.21 8.06
N VAL A 12 -24.55 10.92 8.01
CA VAL A 12 -25.56 10.42 7.06
C VAL A 12 -26.93 11.04 7.34
N GLN A 13 -27.34 10.97 8.60
CA GLN A 13 -28.66 11.42 8.99
C GLN A 13 -28.84 12.90 8.70
N GLN A 14 -27.75 13.65 8.83
CA GLN A 14 -27.80 15.06 8.53
C GLN A 14 -27.79 15.36 7.03
N ASN A 15 -26.99 14.61 6.27
CA ASN A 15 -26.70 14.99 4.89
C ASN A 15 -27.36 14.14 3.81
N ALA A 16 -27.69 12.89 4.12
CA ALA A 16 -28.37 12.03 3.16
C ALA A 16 -29.87 12.26 3.20
N LYS A 17 -30.62 11.53 2.38
CA LYS A 17 -32.07 11.57 2.42
C LYS A 17 -32.61 10.22 2.92
N PRO A 18 -33.58 10.25 3.86
CA PRO A 18 -34.20 9.01 4.32
C PRO A 18 -34.83 8.25 3.16
N GLY A 19 -34.65 6.93 3.12
CA GLY A 19 -35.23 6.10 2.07
C GLY A 19 -34.51 6.20 0.74
N ASP A 20 -33.34 6.81 0.75
CA ASP A 20 -32.52 6.95 -0.46
C ASP A 20 -31.14 6.32 -0.24
N PRO A 21 -31.02 5.00 -0.50
CA PRO A 21 -29.80 4.25 -0.21
C PRO A 21 -28.58 4.84 -0.90
N GLN A 22 -28.76 5.39 -2.10
CA GLN A 22 -27.63 5.96 -2.83
C GLN A 22 -27.06 7.18 -2.13
N SER A 23 -27.92 8.04 -1.60
CA SER A 23 -27.42 9.24 -0.91
C SER A 23 -26.71 8.83 0.36
N VAL A 24 -27.19 7.74 0.97
CA VAL A 24 -26.54 7.20 2.15
C VAL A 24 -25.10 6.76 1.83
N LEU A 25 -24.91 6.03 0.73
CA LEU A 25 -23.59 5.54 0.37
C LEU A 25 -22.68 6.71 0.07
N GLU A 26 -23.20 7.67 -0.67
CA GLU A 26 -22.41 8.82 -1.07
C GLU A 26 -22.02 9.64 0.16
N ALA A 27 -22.93 9.76 1.13
CA ALA A 27 -22.61 10.47 2.36
C ALA A 27 -21.48 9.78 3.11
N ILE A 28 -21.59 8.47 3.28
CA ILE A 28 -20.59 7.72 4.02
C ILE A 28 -19.24 7.85 3.34
N ASP A 29 -19.26 7.71 2.01
CA ASP A 29 -18.05 7.73 1.21
C ASP A 29 -17.37 9.10 1.27
N THR A 30 -18.17 10.16 1.22
CA THR A 30 -17.62 11.50 1.33
C THR A 30 -17.02 11.73 2.71
N TYR A 31 -17.74 11.29 3.73
CA TYR A 31 -17.26 11.43 5.09
C TYR A 31 -15.91 10.75 5.28
N CYS A 32 -15.80 9.52 4.80
CA CYS A 32 -14.62 8.72 5.05
C CYS A 32 -13.47 9.14 4.15
N THR A 33 -13.81 9.86 3.09
CA THR A 33 -12.82 10.43 2.18
C THR A 33 -12.26 11.76 2.69
N GLN A 34 -13.12 12.56 3.32
CA GLN A 34 -12.75 13.93 3.62
C GLN A 34 -12.63 14.27 5.11
N LYS A 35 -13.18 13.44 5.99
CA LYS A 35 -13.18 13.79 7.41
C LYS A 35 -12.39 12.81 8.28
N GLU A 36 -12.73 11.52 8.20
CA GLU A 36 -11.92 10.53 8.89
C GLU A 36 -12.14 9.16 8.29
N TRP A 37 -11.02 8.45 8.15
CA TRP A 37 -11.00 7.13 7.57
C TRP A 37 -11.84 6.20 8.42
N ALA A 38 -12.53 5.26 7.77
CA ALA A 38 -13.25 4.20 8.47
C ALA A 38 -13.13 2.87 7.71
N MET A 39 -13.18 1.76 8.44
CA MET A 39 -13.17 0.43 7.81
C MET A 39 -14.35 0.20 6.87
N ASN A 40 -14.17 -0.75 5.96
CA ASN A 40 -15.25 -1.39 5.21
C ASN A 40 -16.18 -0.43 4.45
N VAL A 41 -15.60 0.63 3.89
CA VAL A 41 -16.33 1.51 2.98
C VAL A 41 -15.52 1.63 1.68
N GLY A 42 -15.99 2.44 0.74
CA GLY A 42 -15.28 2.63 -0.50
C GLY A 42 -16.12 2.29 -1.72
N ASP A 43 -16.24 3.26 -2.63
CA ASP A 43 -17.10 3.12 -3.78
C ASP A 43 -16.48 2.25 -4.87
N ALA A 44 -15.15 2.26 -4.98
CA ALA A 44 -14.46 1.43 -5.97
C ALA A 44 -14.74 -0.05 -5.68
N LYS A 45 -14.57 -0.42 -4.42
CA LYS A 45 -14.89 -1.77 -3.98
C LYS A 45 -16.38 -2.02 -4.19
N GLY A 46 -17.17 -1.00 -3.90
CA GLY A 46 -18.62 -1.08 -4.05
C GLY A 46 -19.10 -1.38 -5.45
N GLN A 47 -18.34 -0.94 -6.45
CA GLN A 47 -18.62 -1.21 -7.86
C GLN A 47 -18.58 -2.70 -8.17
N ILE A 48 -17.54 -3.34 -7.64
CA ILE A 48 -17.36 -4.78 -7.81
C ILE A 48 -18.49 -5.53 -7.10
N MET A 49 -18.79 -5.12 -5.87
CA MET A 49 -19.91 -5.71 -5.13
C MET A 49 -21.22 -5.58 -5.89
N ASP A 50 -21.46 -4.39 -6.43
CA ASP A 50 -22.67 -4.12 -7.21
C ASP A 50 -22.78 -5.09 -8.39
N ALA A 51 -21.68 -5.25 -9.10
CA ALA A 51 -21.64 -6.07 -10.29
C ALA A 51 -21.92 -7.52 -9.93
N VAL A 52 -21.38 -7.96 -8.81
CA VAL A 52 -21.60 -9.34 -8.39
C VAL A 52 -23.08 -9.58 -8.06
N ILE A 53 -23.66 -8.70 -7.26
CA ILE A 53 -25.10 -8.79 -6.95
C ILE A 53 -25.95 -8.77 -8.23
N ARG A 54 -25.59 -7.89 -9.16
CA ARG A 54 -26.37 -7.72 -10.38
C ARG A 54 -26.30 -8.97 -11.23
N GLU A 55 -25.11 -9.53 -11.36
CA GLU A 55 -24.92 -10.73 -12.16
C GLU A 55 -25.62 -11.97 -11.60
N TYR A 56 -25.52 -12.20 -10.29
CA TYR A 56 -26.06 -13.44 -9.73
C TYR A 56 -27.45 -13.30 -9.12
N SER A 57 -27.87 -12.06 -8.88
CA SER A 57 -29.18 -11.78 -8.30
C SER A 57 -29.55 -12.75 -7.18
N PRO A 58 -28.72 -12.78 -6.12
CA PRO A 58 -28.94 -13.75 -5.04
C PRO A 58 -30.27 -13.49 -4.35
N SER A 59 -30.88 -14.50 -3.76
CA SER A 59 -32.13 -14.30 -3.03
C SER A 59 -31.86 -14.27 -1.54
N LEU A 60 -30.77 -14.92 -1.16
CA LEU A 60 -30.36 -15.00 0.23
C LEU A 60 -28.87 -14.73 0.31
N VAL A 61 -28.52 -13.64 1.00
CA VAL A 61 -27.15 -13.20 1.15
C VAL A 61 -26.74 -13.16 2.63
N LEU A 62 -25.56 -13.69 2.91
CA LEU A 62 -24.94 -13.58 4.23
C LEU A 62 -23.74 -12.67 4.14
N GLU A 63 -23.69 -11.69 5.04
CA GLU A 63 -22.55 -10.80 5.17
C GLU A 63 -21.90 -11.02 6.53
N LEU A 64 -20.58 -11.21 6.53
CA LEU A 64 -19.84 -11.29 7.79
C LEU A 64 -19.10 -9.99 8.08
N GLY A 65 -19.53 -9.28 9.11
CA GLY A 65 -18.86 -8.06 9.55
C GLY A 65 -19.50 -6.79 9.01
N ALA A 66 -20.70 -6.47 9.47
CA ALA A 66 -21.44 -5.32 8.97
C ALA A 66 -20.76 -3.97 9.25
N TYR A 67 -20.06 -3.89 10.37
CA TYR A 67 -19.48 -2.63 10.90
C TYR A 67 -20.54 -1.51 11.03
N CYS A 68 -20.53 -0.52 10.14
CA CYS A 68 -21.54 0.54 10.21
C CYS A 68 -22.70 0.35 9.25
N GLY A 69 -22.66 -0.71 8.46
CA GLY A 69 -23.77 -0.98 7.56
C GLY A 69 -23.59 -0.47 6.15
N TYR A 70 -22.40 0.01 5.81
CA TYR A 70 -22.17 0.49 4.44
C TYR A 70 -22.41 -0.61 3.39
N SER A 71 -21.83 -1.79 3.62
CA SER A 71 -21.97 -2.87 2.65
C SER A 71 -23.37 -3.46 2.69
N ALA A 72 -24.00 -3.46 3.86
CA ALA A 72 -25.38 -3.91 3.98
C ALA A 72 -26.31 -3.01 3.17
N VAL A 73 -26.11 -1.69 3.29
CA VAL A 73 -26.88 -0.76 2.46
C VAL A 73 -26.57 -1.00 0.98
N ARG A 74 -25.30 -1.16 0.67
CA ARG A 74 -24.82 -1.36 -0.70
C ARG A 74 -25.51 -2.54 -1.40
N MET A 75 -25.49 -3.70 -0.73
CA MET A 75 -26.06 -4.91 -1.28
C MET A 75 -27.58 -4.89 -1.24
N ALA A 76 -28.15 -4.61 -0.07
CA ALA A 76 -29.60 -4.68 0.09
C ALA A 76 -30.35 -3.76 -0.86
N ARG A 77 -29.72 -2.68 -1.30
CA ARG A 77 -30.40 -1.75 -2.19
C ARG A 77 -30.61 -2.36 -3.58
N LEU A 78 -29.82 -3.38 -3.91
CA LEU A 78 -29.93 -4.02 -5.22
C LEU A 78 -30.74 -5.31 -5.14
N LEU A 79 -31.11 -5.72 -3.93
CA LEU A 79 -31.86 -6.96 -3.78
C LEU A 79 -33.28 -6.83 -4.28
N GLN A 80 -33.75 -7.89 -4.94
CA GLN A 80 -35.13 -7.98 -5.38
C GLN A 80 -36.09 -8.04 -4.19
N PRO A 81 -37.37 -7.71 -4.42
CA PRO A 81 -38.34 -7.92 -3.34
C PRO A 81 -38.37 -9.39 -2.95
N GLY A 82 -38.51 -9.69 -1.66
CA GLY A 82 -38.50 -11.06 -1.21
C GLY A 82 -37.10 -11.59 -0.91
N ALA A 83 -36.10 -11.03 -1.58
CA ALA A 83 -34.70 -11.31 -1.29
C ALA A 83 -34.33 -10.78 0.10
N ARG A 84 -33.46 -11.50 0.81
CA ARG A 84 -33.06 -11.09 2.15
C ARG A 84 -31.54 -11.08 2.36
N LEU A 85 -31.09 -10.12 3.16
CA LEU A 85 -29.71 -10.08 3.63
C LEU A 85 -29.71 -10.40 5.10
N LEU A 86 -28.82 -11.32 5.48
CA LEU A 86 -28.55 -11.56 6.90
C LEU A 86 -27.14 -11.04 7.14
N THR A 87 -26.97 -10.18 8.12
CA THR A 87 -25.64 -9.67 8.33
C THR A 87 -25.21 -9.84 9.77
N MET A 88 -24.00 -10.34 9.96
CA MET A 88 -23.48 -10.60 11.29
C MET A 88 -22.46 -9.55 11.71
N GLU A 89 -22.56 -9.14 12.98
CA GLU A 89 -21.70 -8.10 13.53
C GLU A 89 -21.40 -8.38 14.99
N ILE A 90 -20.12 -8.53 15.32
CA ILE A 90 -19.74 -9.02 16.64
C ILE A 90 -19.84 -7.96 17.73
N ASN A 91 -19.73 -6.69 17.37
CA ASN A 91 -19.77 -5.60 18.37
C ASN A 91 -21.18 -4.98 18.49
N PRO A 92 -21.78 -5.05 19.70
CA PRO A 92 -23.17 -4.60 19.86
C PRO A 92 -23.39 -3.13 19.45
N ASP A 93 -22.45 -2.26 19.76
CA ASP A 93 -22.61 -0.86 19.39
C ASP A 93 -22.62 -0.70 17.87
N CYS A 94 -21.70 -1.39 17.18
CA CYS A 94 -21.73 -1.38 15.72
C CYS A 94 -23.02 -2.02 15.18
N ALA A 95 -23.47 -3.11 15.80
CA ALA A 95 -24.73 -3.69 15.36
C ALA A 95 -25.86 -2.65 15.45
N ALA A 96 -25.84 -1.85 16.50
CA ALA A 96 -26.88 -0.84 16.71
C ALA A 96 -26.81 0.25 15.64
N ILE A 97 -25.59 0.65 15.31
CA ILE A 97 -25.35 1.63 14.27
C ILE A 97 -25.84 1.09 12.93
N THR A 98 -25.46 -0.15 12.61
CA THR A 98 -25.91 -0.77 11.36
C THR A 98 -27.43 -0.73 11.24
N GLN A 99 -28.12 -1.03 12.34
CA GLN A 99 -29.57 -1.05 12.29
C GLN A 99 -30.15 0.31 11.96
N GLN A 100 -29.61 1.36 12.58
CA GLN A 100 -30.10 2.72 12.38
C GLN A 100 -29.78 3.19 10.96
N MET A 101 -28.61 2.81 10.48
CA MET A 101 -28.19 3.13 9.13
C MET A 101 -29.19 2.54 8.12
N LEU A 102 -29.59 1.29 8.36
CA LEU A 102 -30.46 0.58 7.43
C LEU A 102 -31.87 1.14 7.49
N ASN A 103 -32.34 1.40 8.70
CA ASN A 103 -33.62 2.09 8.93
C ASN A 103 -33.66 3.40 8.15
N PHE A 104 -32.62 4.23 8.31
CA PHE A 104 -32.59 5.52 7.63
C PHE A 104 -32.66 5.33 6.12
N ALA A 105 -31.90 4.36 5.60
CA ALA A 105 -31.89 4.07 4.16
C ALA A 105 -33.21 3.47 3.66
N GLY A 106 -34.06 2.99 4.56
CA GLY A 106 -35.32 2.40 4.18
C GLY A 106 -35.24 0.93 3.78
N LEU A 107 -34.18 0.25 4.23
CA LEU A 107 -33.92 -1.13 3.83
C LEU A 107 -34.10 -2.13 4.99
N GLN A 108 -34.61 -1.65 6.12
CA GLN A 108 -34.63 -2.46 7.33
C GLN A 108 -35.46 -3.73 7.19
N ASP A 109 -36.39 -3.74 6.24
CA ASP A 109 -37.23 -4.90 5.98
C ASP A 109 -36.55 -5.95 5.11
N LYS A 110 -35.45 -5.58 4.49
CA LYS A 110 -34.69 -6.52 3.67
C LYS A 110 -33.56 -7.19 4.45
N VAL A 111 -33.26 -6.64 5.63
CA VAL A 111 -32.06 -7.04 6.37
C VAL A 111 -32.36 -7.53 7.78
N THR A 112 -31.77 -8.67 8.14
CA THR A 112 -31.71 -9.11 9.53
C THR A 112 -30.30 -8.95 10.09
N ILE A 113 -30.19 -8.22 11.18
CA ILE A 113 -28.91 -8.03 11.84
C ILE A 113 -28.73 -8.97 13.01
N LEU A 114 -27.65 -9.76 12.94
CA LEU A 114 -27.32 -10.71 13.99
C LEU A 114 -26.08 -10.23 14.72
N ASN A 115 -26.18 -10.07 16.04
CA ASN A 115 -25.06 -9.60 16.82
C ASN A 115 -24.41 -10.77 17.53
N GLY A 116 -23.21 -11.13 17.09
CA GLY A 116 -22.50 -12.26 17.65
C GLY A 116 -21.28 -12.62 16.82
N ALA A 117 -20.54 -13.63 17.27
CA ALA A 117 -19.40 -14.13 16.52
C ALA A 117 -19.87 -15.06 15.40
N SER A 118 -19.23 -14.95 14.25
CA SER A 118 -19.58 -15.77 13.09
C SER A 118 -19.61 -17.28 13.41
N GLN A 119 -18.61 -17.79 14.12
CA GLN A 119 -18.55 -19.23 14.36
C GLN A 119 -19.68 -19.68 15.28
N ASP A 120 -20.25 -18.74 16.02
CA ASP A 120 -21.38 -19.03 16.90
C ASP A 120 -22.71 -18.96 16.17
N LEU A 121 -22.83 -18.01 15.25
CA LEU A 121 -24.12 -17.76 14.60
C LEU A 121 -24.34 -18.63 13.36
N ILE A 122 -23.26 -18.92 12.63
CA ILE A 122 -23.39 -19.66 11.38
C ILE A 122 -24.09 -21.03 11.58
N PRO A 123 -23.74 -21.79 12.63
CA PRO A 123 -24.46 -23.08 12.73
C PRO A 123 -25.92 -22.95 13.20
N GLN A 124 -26.37 -21.74 13.53
CA GLN A 124 -27.77 -21.54 13.92
C GLN A 124 -28.66 -21.08 12.77
N LEU A 125 -28.06 -20.75 11.64
CA LEU A 125 -28.82 -20.18 10.53
C LEU A 125 -29.93 -21.10 10.03
N LYS A 126 -29.65 -22.40 9.93
CA LYS A 126 -30.66 -23.33 9.44
C LYS A 126 -31.85 -23.41 10.41
N LYS A 127 -31.54 -23.56 11.68
CA LYS A 127 -32.56 -23.80 12.70
C LYS A 127 -33.27 -22.51 13.13
N LYS A 128 -32.54 -21.42 13.25
CA LYS A 128 -33.13 -20.19 13.78
C LYS A 128 -33.63 -19.22 12.72
N TYR A 129 -32.98 -19.17 11.57
CA TYR A 129 -33.32 -18.13 10.61
C TYR A 129 -33.84 -18.71 9.32
N ASP A 130 -34.23 -19.99 9.38
CA ASP A 130 -34.89 -20.66 8.27
C ASP A 130 -34.09 -20.61 7.00
N VAL A 131 -32.79 -20.83 7.11
CA VAL A 131 -31.96 -20.86 5.91
C VAL A 131 -31.91 -22.29 5.39
N ASP A 132 -32.06 -22.46 4.08
CA ASP A 132 -31.71 -23.74 3.49
C ASP A 132 -30.25 -23.66 3.10
N THR A 133 -29.98 -23.03 1.96
CA THR A 133 -28.60 -22.76 1.57
C THR A 133 -28.46 -21.28 1.20
N LEU A 134 -27.24 -20.77 1.24
CA LEU A 134 -27.01 -19.37 0.92
C LEU A 134 -26.68 -19.21 -0.57
N ASP A 135 -27.14 -18.11 -1.15
CA ASP A 135 -26.84 -17.80 -2.55
C ASP A 135 -25.54 -17.03 -2.68
N MET A 136 -25.23 -16.25 -1.64
CA MET A 136 -24.06 -15.42 -1.69
C MET A 136 -23.57 -15.08 -0.29
N VAL A 137 -22.26 -15.08 -0.12
CA VAL A 137 -21.61 -14.75 1.13
C VAL A 137 -20.58 -13.66 0.90
N PHE A 138 -20.70 -12.59 1.65
CA PHE A 138 -19.73 -11.49 1.63
C PHE A 138 -18.91 -11.50 2.92
N LEU A 139 -17.61 -11.60 2.78
CA LEU A 139 -16.71 -11.70 3.92
C LEU A 139 -15.91 -10.41 4.08
N ASP A 140 -16.09 -9.73 5.20
CA ASP A 140 -15.33 -8.52 5.51
C ASP A 140 -15.12 -8.35 7.01
N HIS A 141 -15.10 -9.48 7.74
CA HIS A 141 -14.84 -9.46 9.17
C HIS A 141 -13.35 -9.70 9.48
N TRP A 142 -13.03 -10.37 10.59
CA TRP A 142 -11.64 -10.62 10.95
C TRP A 142 -11.00 -11.52 9.92
N LYS A 143 -9.82 -11.12 9.44
CA LYS A 143 -9.20 -11.79 8.29
C LYS A 143 -8.82 -13.25 8.57
N ASP A 144 -8.36 -13.54 9.78
CA ASP A 144 -8.01 -14.92 10.12
C ASP A 144 -9.24 -15.82 10.19
N ARG A 145 -10.44 -15.24 10.11
CA ARG A 145 -11.64 -16.04 10.15
C ARG A 145 -12.23 -16.38 8.76
N TYR A 146 -11.70 -15.79 7.68
CA TYR A 146 -12.23 -16.08 6.35
C TYR A 146 -12.19 -17.59 6.04
N LEU A 147 -11.04 -18.20 6.26
CA LEU A 147 -10.88 -19.61 5.94
C LEU A 147 -11.73 -20.48 6.88
N PRO A 148 -11.55 -20.35 8.21
CA PRO A 148 -12.33 -21.31 9.00
C PRO A 148 -13.85 -21.10 8.92
N ASP A 149 -14.33 -19.87 8.72
CA ASP A 149 -15.77 -19.66 8.53
C ASP A 149 -16.27 -20.21 7.18
N THR A 150 -15.44 -20.13 6.15
CA THR A 150 -15.78 -20.76 4.87
C THR A 150 -15.92 -22.28 5.02
N LEU A 151 -14.98 -22.92 5.72
CA LEU A 151 -15.04 -24.35 6.00
C LEU A 151 -16.22 -24.67 6.91
N LEU A 152 -16.53 -23.76 7.82
CA LEU A 152 -17.67 -23.95 8.71
C LEU A 152 -18.98 -23.95 7.92
N LEU A 153 -19.11 -22.96 7.05
CA LEU A 153 -20.25 -22.83 6.14
C LEU A 153 -20.47 -24.07 5.31
N GLU A 154 -19.39 -24.63 4.78
CA GLU A 154 -19.46 -25.84 3.98
C GLU A 154 -19.93 -27.01 4.85
N LYS A 155 -19.28 -27.13 5.99
CA LYS A 155 -19.63 -28.10 7.03
C LYS A 155 -21.13 -28.09 7.37
N CYS A 156 -21.68 -26.90 7.54
CA CYS A 156 -23.05 -26.78 8.01
C CYS A 156 -24.06 -26.95 6.89
N GLY A 157 -23.57 -27.20 5.68
CA GLY A 157 -24.42 -27.40 4.53
C GLY A 157 -25.09 -26.14 4.03
N LEU A 158 -24.43 -25.00 4.17
CA LEU A 158 -25.05 -23.73 3.83
C LEU A 158 -24.65 -23.29 2.42
N LEU A 159 -23.70 -24.00 1.85
CA LEU A 159 -23.24 -23.70 0.50
C LEU A 159 -23.86 -24.70 -0.49
N ARG A 160 -24.22 -24.20 -1.66
CA ARG A 160 -24.67 -25.05 -2.76
C ARG A 160 -23.77 -24.79 -3.95
N LYS A 161 -23.84 -25.67 -4.95
CA LYS A 161 -23.13 -25.42 -6.20
C LYS A 161 -23.62 -24.11 -6.80
N GLY A 162 -22.70 -23.18 -7.04
CA GLY A 162 -23.07 -21.88 -7.58
C GLY A 162 -23.18 -20.77 -6.55
N THR A 163 -23.09 -21.11 -5.27
CA THR A 163 -23.01 -20.08 -4.22
C THR A 163 -21.78 -19.21 -4.42
N VAL A 164 -21.98 -17.90 -4.44
CA VAL A 164 -20.91 -16.94 -4.64
C VAL A 164 -20.31 -16.49 -3.31
N LEU A 165 -19.03 -16.74 -3.05
CA LEU A 165 -18.34 -16.04 -1.95
C LEU A 165 -17.57 -14.88 -2.52
N LEU A 166 -17.62 -13.76 -1.81
CA LEU A 166 -16.90 -12.56 -2.19
C LEU A 166 -16.16 -12.08 -0.96
N ALA A 167 -14.83 -12.06 -1.03
CA ALA A 167 -14.03 -11.74 0.14
C ALA A 167 -13.26 -10.45 -0.08
N ASP A 168 -13.42 -9.49 0.84
CA ASP A 168 -12.70 -8.21 0.74
C ASP A 168 -11.34 -8.29 1.45
N ASN A 169 -10.46 -7.35 1.10
CA ASN A 169 -9.17 -7.20 1.77
C ASN A 169 -8.26 -8.43 1.67
N VAL A 170 -8.42 -9.25 0.64
CA VAL A 170 -7.60 -10.45 0.54
C VAL A 170 -6.13 -10.13 0.20
N ILE A 171 -5.85 -8.90 -0.18
CA ILE A 171 -4.46 -8.49 -0.44
C ILE A 171 -3.93 -7.57 0.67
N VAL A 172 -4.73 -6.56 1.01
CA VAL A 172 -4.41 -5.62 2.10
C VAL A 172 -5.54 -5.58 3.12
N PRO A 173 -5.28 -6.04 4.35
CA PRO A 173 -3.96 -6.48 4.82
C PRO A 173 -3.69 -7.93 4.48
N GLY A 174 -4.54 -8.53 3.66
CA GLY A 174 -4.28 -9.84 3.09
C GLY A 174 -4.85 -11.02 3.87
N THR A 175 -5.27 -12.04 3.13
CA THR A 175 -5.76 -13.28 3.74
C THR A 175 -5.14 -14.46 3.00
N PRO A 176 -3.83 -14.68 3.19
CA PRO A 176 -3.09 -15.70 2.42
C PRO A 176 -3.62 -17.14 2.59
N ASP A 177 -3.91 -17.58 3.82
CA ASP A 177 -4.39 -18.95 4.00
C ASP A 177 -5.68 -19.16 3.21
N PHE A 178 -6.59 -18.19 3.30
CA PHE A 178 -7.86 -18.25 2.57
C PHE A 178 -7.65 -18.32 1.06
N LEU A 179 -6.82 -17.43 0.54
CA LEU A 179 -6.57 -17.41 -0.90
C LEU A 179 -6.00 -18.75 -1.37
N ALA A 180 -4.98 -19.24 -0.66
CA ALA A 180 -4.34 -20.50 -1.02
C ALA A 180 -5.35 -21.63 -1.05
N TYR A 181 -6.24 -21.66 -0.07
CA TYR A 181 -7.22 -22.75 -0.03
C TYR A 181 -8.23 -22.66 -1.17
N VAL A 182 -8.89 -21.51 -1.36
CA VAL A 182 -9.98 -21.50 -2.34
C VAL A 182 -9.44 -21.61 -3.76
N ARG A 183 -8.28 -21.04 -4.02
CA ARG A 183 -7.67 -21.15 -5.34
C ARG A 183 -7.11 -22.57 -5.60
N GLY A 184 -6.58 -23.19 -4.55
CA GLY A 184 -6.05 -24.54 -4.65
C GLY A 184 -7.09 -25.64 -4.65
N SER A 185 -8.31 -25.31 -4.23
CA SER A 185 -9.36 -26.32 -4.08
C SER A 185 -10.23 -26.43 -5.32
N SER A 186 -10.61 -27.66 -5.69
CA SER A 186 -11.49 -27.85 -6.86
C SER A 186 -12.93 -27.50 -6.51
N SER A 187 -13.20 -27.24 -5.22
CA SER A 187 -14.53 -26.86 -4.80
C SER A 187 -14.86 -25.38 -5.04
N PHE A 188 -13.85 -24.59 -5.42
CA PHE A 188 -14.07 -23.17 -5.71
C PHE A 188 -13.43 -22.73 -7.01
N GLU A 189 -14.23 -22.09 -7.85
CA GLU A 189 -13.77 -21.41 -9.06
C GLU A 189 -13.54 -19.93 -8.73
N CYS A 190 -12.28 -19.49 -8.79
CA CYS A 190 -11.92 -18.20 -8.24
C CYS A 190 -11.57 -17.11 -9.27
N THR A 191 -12.05 -15.91 -9.00
CA THR A 191 -11.72 -14.72 -9.79
C THR A 191 -11.19 -13.61 -8.88
N HIS A 192 -10.11 -12.96 -9.28
CA HIS A 192 -9.60 -11.85 -8.50
C HIS A 192 -9.97 -10.49 -9.11
N TYR A 193 -10.57 -9.62 -8.30
CA TYR A 193 -10.89 -8.26 -8.71
C TYR A 193 -10.01 -7.25 -7.99
N SER A 194 -8.99 -6.76 -8.67
CA SER A 194 -8.12 -5.79 -8.02
C SER A 194 -8.91 -4.50 -7.80
N SER A 195 -8.52 -3.75 -6.78
CA SER A 195 -9.11 -2.45 -6.54
C SER A 195 -8.11 -1.56 -5.82
N TYR A 196 -7.86 -0.41 -6.42
CA TYR A 196 -6.86 0.52 -5.95
C TYR A 196 -7.36 1.31 -4.75
N LEU A 197 -6.56 1.38 -3.71
CA LEU A 197 -6.87 2.24 -2.56
C LEU A 197 -6.21 3.60 -2.78
N GLU A 198 -6.98 4.52 -3.37
CA GLU A 198 -6.44 5.73 -3.99
C GLU A 198 -5.62 6.66 -3.06
N TYR A 199 -5.89 6.60 -1.76
CA TYR A 199 -5.23 7.52 -0.84
C TYR A 199 -4.11 6.86 -0.05
N MET A 200 -4.21 5.55 0.15
CA MET A 200 -3.14 4.79 0.78
C MET A 200 -2.18 4.32 -0.30
N LYS A 201 -2.55 4.61 -1.54
CA LYS A 201 -1.71 4.39 -2.73
C LYS A 201 -1.30 2.94 -2.94
N VAL A 202 -2.19 1.99 -2.67
CA VAL A 202 -1.83 0.58 -2.79
C VAL A 202 -2.98 -0.25 -3.36
N VAL A 203 -2.61 -1.26 -4.14
CA VAL A 203 -3.59 -2.16 -4.72
C VAL A 203 -4.05 -3.16 -3.68
N ASP A 204 -5.36 -3.21 -3.46
CA ASP A 204 -5.97 -4.25 -2.66
C ASP A 204 -6.76 -5.10 -3.66
N GLY A 205 -7.57 -6.04 -3.18
CA GLY A 205 -8.41 -6.81 -4.09
C GLY A 205 -9.54 -7.54 -3.40
N LEU A 206 -10.54 -7.92 -4.20
CA LEU A 206 -11.56 -8.86 -3.73
C LEU A 206 -11.36 -10.19 -4.41
N GLU A 207 -11.70 -11.25 -3.70
CA GLU A 207 -11.71 -12.56 -4.33
C GLU A 207 -13.15 -13.01 -4.43
N LYS A 208 -13.57 -13.36 -5.64
CA LYS A 208 -14.82 -14.07 -5.84
C LYS A 208 -14.56 -15.57 -5.94
N ALA A 209 -15.21 -16.35 -5.09
CA ALA A 209 -15.02 -17.80 -5.16
C ALA A 209 -16.37 -18.48 -5.28
N ILE A 210 -16.63 -19.09 -6.43
CA ILE A 210 -17.89 -19.78 -6.69
C ILE A 210 -17.83 -21.24 -6.25
N TYR A 211 -18.70 -21.62 -5.32
CA TYR A 211 -18.66 -22.98 -4.78
C TYR A 211 -19.05 -23.97 -5.87
N GLN A 212 -18.24 -25.02 -6.02
CA GLN A 212 -18.45 -26.01 -7.08
C GLN A 212 -19.08 -27.29 -6.55
N GLY A 213 -19.31 -27.37 -5.25
CA GLY A 213 -19.80 -28.59 -4.63
C GLY A 213 -18.65 -29.28 -3.92
N PRO A 214 -18.98 -30.25 -3.05
CA PRO A 214 -17.95 -30.87 -2.20
C PRO A 214 -16.91 -31.67 -2.99
N SER A 215 -15.70 -31.76 -2.46
CA SER A 215 -14.68 -32.68 -2.99
C SER A 215 -15.16 -34.13 -2.90
N SER A 216 -15.15 -34.86 -4.01
CA SER A 216 -15.71 -36.21 -4.01
C SER A 216 -14.65 -37.23 -3.61
N PRO A 217 -15.05 -38.23 -2.79
CA PRO A 217 -14.16 -39.29 -2.32
C PRO A 217 -13.54 -40.10 -3.46
N ASP A 218 -12.37 -40.68 -3.22
CA ASP A 218 -11.68 -41.45 -4.26
C ASP A 218 -12.38 -42.78 -4.57
N LYS A 219 -12.36 -43.15 -5.84
CA LYS A 219 -12.92 -44.43 -6.30
C LYS A 219 -11.90 -45.55 -6.23
N ASP B 2 -20.13 14.55 -39.83
CA ASP B 2 -19.97 14.39 -38.40
C ASP B 2 -20.09 12.94 -37.92
N THR B 3 -19.03 12.42 -37.30
CA THR B 3 -19.06 11.01 -36.89
C THR B 3 -19.18 10.85 -35.39
N LYS B 4 -19.51 9.64 -34.97
CA LYS B 4 -19.50 9.31 -33.54
C LYS B 4 -18.14 9.62 -32.90
N GLU B 5 -17.06 9.21 -33.56
CA GLU B 5 -15.72 9.39 -33.01
C GLU B 5 -15.38 10.88 -32.87
N GLN B 6 -15.83 11.69 -33.81
CA GLN B 6 -15.63 13.14 -33.71
C GLN B 6 -16.43 13.71 -32.54
N ARG B 7 -17.61 13.17 -32.32
CA ARG B 7 -18.48 13.65 -31.26
C ARG B 7 -17.86 13.35 -29.89
N ILE B 8 -17.28 12.15 -29.76
CA ILE B 8 -16.61 11.77 -28.53
C ILE B 8 -15.48 12.73 -28.22
N LEU B 9 -14.62 12.97 -29.21
CA LEU B 9 -13.52 13.90 -29.04
C LEU B 9 -14.01 15.30 -28.67
N ARG B 10 -15.06 15.76 -29.36
CA ARG B 10 -15.60 17.10 -29.10
C ARG B 10 -16.14 17.19 -27.68
N TYR B 11 -16.81 16.14 -27.22
CA TYR B 11 -17.32 16.11 -25.85
C TYR B 11 -16.17 16.18 -24.83
N VAL B 12 -15.08 15.48 -25.11
CA VAL B 12 -13.91 15.51 -24.24
C VAL B 12 -13.31 16.92 -24.22
N GLN B 13 -13.17 17.52 -25.40
CA GLN B 13 -12.50 18.81 -25.49
C GLN B 13 -13.31 19.91 -24.81
N GLN B 14 -14.63 19.73 -24.82
CA GLN B 14 -15.50 20.66 -24.18
C GLN B 14 -15.51 20.48 -22.66
N ASN B 15 -15.57 19.24 -22.19
CA ASN B 15 -15.91 18.95 -20.79
C ASN B 15 -14.75 18.50 -19.91
N ALA B 16 -13.70 17.96 -20.53
CA ALA B 16 -12.53 17.57 -19.75
C ALA B 16 -11.55 18.72 -19.64
N LYS B 17 -10.47 18.48 -18.90
CA LYS B 17 -9.44 19.49 -18.68
C LYS B 17 -8.16 19.02 -19.37
N PRO B 18 -7.54 19.91 -20.17
CA PRO B 18 -6.29 19.59 -20.86
C PRO B 18 -5.17 19.18 -19.91
N GLY B 19 -4.43 18.13 -20.29
CA GLY B 19 -3.34 17.65 -19.46
C GLY B 19 -3.82 16.86 -18.26
N ASP B 20 -5.12 16.55 -18.20
CA ASP B 20 -5.70 15.78 -17.10
C ASP B 20 -6.35 14.50 -17.65
N PRO B 21 -5.56 13.43 -17.77
CA PRO B 21 -6.02 12.15 -18.34
C PRO B 21 -7.25 11.63 -17.61
N GLN B 22 -7.30 11.82 -16.30
CA GLN B 22 -8.41 11.28 -15.52
C GLN B 22 -9.72 11.92 -15.95
N SER B 23 -9.71 13.23 -16.20
CA SER B 23 -10.93 13.91 -16.59
C SER B 23 -11.30 13.50 -18.02
N VAL B 24 -10.29 13.15 -18.82
CA VAL B 24 -10.55 12.64 -20.16
C VAL B 24 -11.27 11.28 -20.09
N LEU B 25 -10.78 10.38 -19.24
CA LEU B 25 -11.40 9.07 -19.10
C LEU B 25 -12.85 9.20 -18.63
N GLU B 26 -13.06 10.08 -17.66
CA GLU B 26 -14.40 10.27 -17.10
C GLU B 26 -15.35 10.88 -18.12
N ALA B 27 -14.86 11.83 -18.93
CA ALA B 27 -15.71 12.42 -19.95
C ALA B 27 -16.13 11.38 -20.97
N ILE B 28 -15.19 10.55 -21.41
CA ILE B 28 -15.54 9.53 -22.40
C ILE B 28 -16.54 8.52 -21.83
N ASP B 29 -16.31 8.12 -20.60
CA ASP B 29 -17.17 7.13 -19.97
C ASP B 29 -18.56 7.71 -19.75
N THR B 30 -18.63 8.98 -19.36
CA THR B 30 -19.92 9.65 -19.21
C THR B 30 -20.63 9.71 -20.55
N TYR B 31 -19.92 10.17 -21.58
CA TYR B 31 -20.47 10.22 -22.93
C TYR B 31 -21.05 8.88 -23.39
N CYS B 32 -20.27 7.82 -23.24
CA CYS B 32 -20.61 6.53 -23.83
C CYS B 32 -21.67 5.82 -23.01
N THR B 33 -21.92 6.35 -21.82
CA THR B 33 -22.97 5.84 -20.95
C THR B 33 -24.31 6.57 -21.15
N GLN B 34 -24.25 7.87 -21.36
CA GLN B 34 -25.46 8.70 -21.44
C GLN B 34 -25.87 9.11 -22.86
N LYS B 35 -24.91 9.25 -23.77
CA LYS B 35 -25.20 9.78 -25.09
C LYS B 35 -25.28 8.71 -26.17
N GLU B 36 -24.14 8.09 -26.48
CA GLU B 36 -24.17 6.97 -27.41
C GLU B 36 -23.04 6.00 -27.11
N TRP B 37 -23.35 4.71 -27.23
CA TRP B 37 -22.40 3.64 -27.01
C TRP B 37 -21.25 3.78 -28.00
N ALA B 38 -20.06 3.36 -27.59
CA ALA B 38 -18.91 3.28 -28.50
C ALA B 38 -18.05 2.09 -28.11
N MET B 39 -17.33 1.53 -29.08
CA MET B 39 -16.39 0.44 -28.81
C MET B 39 -15.24 0.88 -27.92
N ASN B 40 -14.63 -0.11 -27.28
CA ASN B 40 -13.33 0.06 -26.63
C ASN B 40 -13.28 1.24 -25.65
N VAL B 41 -14.32 1.40 -24.85
CA VAL B 41 -14.30 2.30 -23.69
C VAL B 41 -14.92 1.55 -22.52
N GLY B 42 -14.86 2.12 -21.31
CA GLY B 42 -15.46 1.48 -20.15
C GLY B 42 -14.55 1.46 -18.92
N ASP B 43 -15.06 1.94 -17.79
CA ASP B 43 -14.25 2.03 -16.59
C ASP B 43 -14.11 0.70 -15.86
N ALA B 44 -15.14 -0.15 -15.95
CA ALA B 44 -15.07 -1.48 -15.35
C ALA B 44 -13.82 -2.22 -15.83
N LYS B 45 -13.73 -2.41 -17.13
CA LYS B 45 -12.54 -3.02 -17.73
C LYS B 45 -11.30 -2.20 -17.38
N GLY B 46 -11.48 -0.90 -17.21
CA GLY B 46 -10.38 -0.01 -16.88
C GLY B 46 -9.68 -0.30 -15.57
N GLN B 47 -10.45 -0.68 -14.55
CA GLN B 47 -9.88 -1.10 -13.27
C GLN B 47 -8.94 -2.29 -13.48
N ILE B 48 -9.35 -3.26 -14.29
CA ILE B 48 -8.53 -4.44 -14.55
C ILE B 48 -7.26 -4.03 -15.29
N MET B 49 -7.42 -3.20 -16.32
CA MET B 49 -6.26 -2.64 -17.02
C MET B 49 -5.30 -1.88 -16.11
N ASP B 50 -5.82 -1.00 -15.26
CA ASP B 50 -4.98 -0.22 -14.36
C ASP B 50 -4.15 -1.14 -13.47
N ALA B 51 -4.81 -2.16 -12.92
CA ALA B 51 -4.16 -3.08 -12.02
C ALA B 51 -3.02 -3.81 -12.73
N VAL B 52 -3.23 -4.16 -13.99
CA VAL B 52 -2.18 -4.87 -14.73
C VAL B 52 -0.97 -3.97 -14.98
N ILE B 53 -1.21 -2.75 -15.47
CA ILE B 53 -0.12 -1.80 -15.68
C ILE B 53 0.70 -1.58 -14.41
N ARG B 54 0.01 -1.44 -13.27
CA ARG B 54 0.69 -1.14 -12.01
C ARG B 54 1.52 -2.33 -11.51
N GLU B 55 0.96 -3.53 -11.61
CA GLU B 55 1.63 -4.71 -11.09
C GLU B 55 2.90 -5.06 -11.88
N TYR B 56 2.82 -4.95 -13.21
CA TYR B 56 3.94 -5.38 -14.06
C TYR B 56 4.81 -4.23 -14.54
N SER B 57 4.32 -3.01 -14.36
CA SER B 57 5.11 -1.80 -14.65
C SER B 57 5.87 -1.89 -15.98
N PRO B 58 5.15 -2.11 -17.10
CA PRO B 58 5.85 -2.33 -18.38
C PRO B 58 6.53 -1.06 -18.84
N SER B 59 7.67 -1.17 -19.52
CA SER B 59 8.36 0.02 -20.05
C SER B 59 8.08 0.22 -21.55
N LEU B 60 7.57 -0.82 -22.20
CA LEU B 60 7.20 -0.75 -23.61
C LEU B 60 5.92 -1.58 -23.80
N VAL B 61 4.87 -0.88 -24.22
CA VAL B 61 3.55 -1.48 -24.36
C VAL B 61 3.12 -1.37 -25.81
N LEU B 62 2.62 -2.47 -26.35
CA LEU B 62 2.01 -2.41 -27.67
C LEU B 62 0.50 -2.60 -27.53
N GLU B 63 -0.26 -1.65 -28.08
CA GLU B 63 -1.71 -1.75 -28.11
C GLU B 63 -2.20 -2.01 -29.54
N LEU B 64 -3.04 -3.01 -29.71
CA LEU B 64 -3.68 -3.25 -31.00
C LEU B 64 -5.13 -2.79 -30.98
N GLY B 65 -5.44 -1.78 -31.78
CA GLY B 65 -6.80 -1.27 -31.94
C GLY B 65 -7.11 -0.06 -31.06
N ALA B 66 -6.45 1.07 -31.29
CA ALA B 66 -6.61 2.27 -30.47
C ALA B 66 -8.03 2.86 -30.49
N TYR B 67 -8.72 2.72 -31.63
CA TYR B 67 -10.02 3.37 -31.85
C TYR B 67 -10.01 4.91 -31.57
N CYS B 68 -10.53 5.35 -30.43
CA CYS B 68 -10.55 6.79 -30.10
C CYS B 68 -9.49 7.22 -29.10
N GLY B 69 -8.78 6.25 -28.53
CA GLY B 69 -7.67 6.54 -27.66
C GLY B 69 -7.98 6.36 -26.18
N TYR B 70 -9.13 5.78 -25.87
CA TYR B 70 -9.48 5.60 -24.45
C TYR B 70 -8.44 4.75 -23.71
N SER B 71 -8.23 3.53 -24.20
CA SER B 71 -7.33 2.59 -23.56
C SER B 71 -5.90 3.10 -23.58
N ALA B 72 -5.56 3.84 -24.63
CA ALA B 72 -4.26 4.49 -24.75
C ALA B 72 -4.09 5.52 -23.64
N VAL B 73 -5.09 6.38 -23.46
CA VAL B 73 -5.06 7.36 -22.39
C VAL B 73 -4.98 6.60 -21.06
N ARG B 74 -5.79 5.56 -20.91
CA ARG B 74 -5.84 4.85 -19.64
C ARG B 74 -4.50 4.23 -19.24
N MET B 75 -3.82 3.59 -20.19
CA MET B 75 -2.55 2.95 -19.87
C MET B 75 -1.41 3.95 -19.75
N ALA B 76 -1.32 4.88 -20.71
CA ALA B 76 -0.19 5.78 -20.76
C ALA B 76 -0.15 6.72 -19.56
N ARG B 77 -1.27 6.92 -18.88
CA ARG B 77 -1.28 7.79 -17.71
C ARG B 77 -0.59 7.14 -16.51
N LEU B 78 -0.49 5.81 -16.52
CA LEU B 78 0.13 5.08 -15.42
C LEU B 78 1.58 4.70 -15.73
N LEU B 79 2.02 5.01 -16.94
CA LEU B 79 3.36 4.65 -17.37
C LEU B 79 4.40 5.56 -16.76
N GLN B 80 5.49 4.96 -16.28
CA GLN B 80 6.66 5.70 -15.80
C GLN B 80 7.20 6.65 -16.88
N PRO B 81 7.91 7.71 -16.47
CA PRO B 81 8.62 8.52 -17.46
C PRO B 81 9.67 7.66 -18.16
N GLY B 82 9.82 7.82 -19.47
CA GLY B 82 10.73 6.98 -20.21
C GLY B 82 10.03 5.76 -20.77
N ALA B 83 8.90 5.37 -20.17
CA ALA B 83 8.09 4.30 -20.71
C ALA B 83 7.37 4.77 -21.98
N ARG B 84 7.11 3.85 -22.89
CA ARG B 84 6.46 4.19 -24.15
C ARG B 84 5.34 3.22 -24.51
N LEU B 85 4.27 3.77 -25.06
CA LEU B 85 3.20 3.00 -25.64
C LEU B 85 3.19 3.16 -27.16
N LEU B 86 3.13 2.02 -27.88
CA LEU B 86 2.94 2.05 -29.33
C LEU B 86 1.52 1.57 -29.59
N THR B 87 0.74 2.34 -30.31
CA THR B 87 -0.61 1.90 -30.51
C THR B 87 -0.92 1.87 -31.99
N MET B 88 -1.51 0.76 -32.41
CA MET B 88 -1.87 0.58 -33.80
C MET B 88 -3.37 0.74 -34.00
N GLU B 89 -3.72 1.44 -35.07
CA GLU B 89 -5.11 1.71 -35.44
C GLU B 89 -5.23 1.61 -36.96
N ILE B 90 -6.06 0.69 -37.45
CA ILE B 90 -6.13 0.47 -38.90
C ILE B 90 -6.86 1.61 -39.64
N ASN B 91 -7.80 2.29 -38.98
CA ASN B 91 -8.55 3.33 -39.69
C ASN B 91 -7.91 4.72 -39.55
N PRO B 92 -7.59 5.35 -40.68
CA PRO B 92 -6.85 6.62 -40.61
C PRO B 92 -7.61 7.72 -39.85
N ASP B 93 -8.93 7.78 -39.97
CA ASP B 93 -9.68 8.81 -39.26
C ASP B 93 -9.61 8.57 -37.75
N CYS B 94 -9.81 7.31 -37.34
CA CYS B 94 -9.69 6.97 -35.93
C CYS B 94 -8.29 7.27 -35.41
N ALA B 95 -7.27 6.98 -36.21
CA ALA B 95 -5.91 7.29 -35.83
C ALA B 95 -5.73 8.77 -35.53
N ALA B 96 -6.37 9.61 -36.34
CA ALA B 96 -6.26 11.06 -36.14
C ALA B 96 -6.99 11.49 -34.86
N ILE B 97 -8.16 10.90 -34.61
CA ILE B 97 -8.89 11.17 -33.38
C ILE B 97 -8.04 10.78 -32.16
N THR B 98 -7.46 9.57 -32.22
CA THR B 98 -6.61 9.09 -31.14
C THR B 98 -5.45 10.03 -30.87
N GLN B 99 -4.87 10.60 -31.93
CA GLN B 99 -3.75 11.52 -31.74
C GLN B 99 -4.19 12.79 -31.01
N GLN B 100 -5.29 13.40 -31.45
CA GLN B 100 -5.81 14.62 -30.81
C GLN B 100 -6.21 14.34 -29.36
N MET B 101 -6.76 13.15 -29.12
CA MET B 101 -7.19 12.74 -27.78
C MET B 101 -6.00 12.70 -26.82
N LEU B 102 -4.91 12.10 -27.28
CA LEU B 102 -3.70 11.98 -26.48
C LEU B 102 -3.03 13.33 -26.30
N ASN B 103 -2.99 14.13 -27.36
CA ASN B 103 -2.48 15.49 -27.27
C ASN B 103 -3.25 16.26 -26.17
N PHE B 104 -4.57 16.21 -26.25
CA PHE B 104 -5.40 16.90 -25.26
C PHE B 104 -5.07 16.44 -23.84
N ALA B 105 -4.95 15.12 -23.64
CA ALA B 105 -4.66 14.56 -22.32
C ALA B 105 -3.25 14.90 -21.85
N GLY B 106 -2.43 15.46 -22.74
CA GLY B 106 -1.05 15.79 -22.40
C GLY B 106 -0.12 14.60 -22.43
N LEU B 107 -0.56 13.51 -23.07
CA LEU B 107 0.18 12.25 -23.07
C LEU B 107 0.89 11.95 -24.38
N GLN B 108 0.96 12.93 -25.28
CA GLN B 108 1.39 12.64 -26.65
C GLN B 108 2.88 12.27 -26.71
N ASP B 109 3.63 12.63 -25.68
CA ASP B 109 5.05 12.31 -25.61
C ASP B 109 5.33 10.84 -25.28
N LYS B 110 4.39 10.18 -24.61
CA LYS B 110 4.61 8.78 -24.24
C LYS B 110 4.11 7.79 -25.29
N VAL B 111 3.36 8.27 -26.28
CA VAL B 111 2.64 7.38 -27.17
C VAL B 111 3.00 7.59 -28.64
N THR B 112 3.15 6.49 -29.36
CA THR B 112 3.37 6.54 -30.80
C THR B 112 2.20 5.87 -31.50
N ILE B 113 1.55 6.59 -32.40
CA ILE B 113 0.41 6.06 -33.10
C ILE B 113 0.76 5.58 -34.48
N LEU B 114 0.46 4.32 -34.74
CA LEU B 114 0.72 3.72 -36.04
C LEU B 114 -0.59 3.44 -36.76
N ASN B 115 -0.73 4.00 -37.97
CA ASN B 115 -1.93 3.77 -38.76
C ASN B 115 -1.69 2.69 -39.80
N GLY B 116 -2.20 1.50 -39.54
CA GLY B 116 -2.02 0.38 -40.43
C GLY B 116 -2.60 -0.88 -39.83
N ALA B 117 -2.64 -1.94 -40.63
CA ALA B 117 -3.04 -3.25 -40.16
C ALA B 117 -1.93 -3.89 -39.33
N SER B 118 -2.32 -4.62 -38.29
CA SER B 118 -1.37 -5.15 -37.33
C SER B 118 -0.39 -6.12 -37.99
N GLN B 119 -0.87 -6.98 -38.88
CA GLN B 119 0.01 -7.99 -39.48
C GLN B 119 1.06 -7.34 -40.39
N ASP B 120 0.79 -6.11 -40.82
CA ASP B 120 1.75 -5.32 -41.60
C ASP B 120 2.76 -4.62 -40.73
N LEU B 121 2.30 -4.09 -39.61
CA LEU B 121 3.11 -3.21 -38.78
C LEU B 121 3.98 -3.96 -37.78
N ILE B 122 3.45 -5.02 -37.19
CA ILE B 122 4.17 -5.78 -36.18
C ILE B 122 5.56 -6.23 -36.66
N PRO B 123 5.68 -6.73 -37.91
CA PRO B 123 7.05 -7.16 -38.27
C PRO B 123 8.01 -6.00 -38.57
N GLN B 124 7.52 -4.76 -38.55
CA GLN B 124 8.39 -3.62 -38.75
C GLN B 124 8.82 -2.97 -37.44
N LEU B 125 8.29 -3.47 -36.33
CA LEU B 125 8.57 -2.84 -35.05
C LEU B 125 10.06 -2.85 -34.69
N LYS B 126 10.74 -3.96 -34.95
CA LYS B 126 12.14 -4.03 -34.58
C LYS B 126 12.98 -3.02 -35.37
N LYS B 127 12.80 -2.95 -36.68
CA LYS B 127 13.67 -2.06 -37.44
C LYS B 127 13.18 -0.60 -37.49
N LYS B 128 11.87 -0.37 -37.53
CA LYS B 128 11.39 1.00 -37.69
C LYS B 128 11.23 1.76 -36.38
N TYR B 129 10.91 1.06 -35.29
CA TYR B 129 10.59 1.73 -34.04
C TYR B 129 11.50 1.29 -32.90
N ASP B 130 12.67 0.78 -33.29
CA ASP B 130 13.71 0.33 -32.37
C ASP B 130 13.19 -0.50 -31.20
N VAL B 131 12.32 -1.45 -31.50
CA VAL B 131 11.83 -2.33 -30.46
C VAL B 131 12.73 -3.55 -30.33
N ASP B 132 13.09 -3.90 -29.10
CA ASP B 132 13.69 -5.21 -28.87
C ASP B 132 12.57 -6.21 -28.59
N THR B 133 12.13 -6.26 -27.33
CA THR B 133 10.99 -7.08 -26.98
C THR B 133 9.93 -6.23 -26.27
N LEU B 134 8.67 -6.61 -26.39
CA LEU B 134 7.61 -5.88 -25.72
C LEU B 134 7.46 -6.39 -24.29
N ASP B 135 7.11 -5.49 -23.37
CA ASP B 135 6.83 -5.88 -21.98
C ASP B 135 5.37 -6.25 -21.80
N MET B 136 4.52 -5.65 -22.61
CA MET B 136 3.10 -5.90 -22.49
C MET B 136 2.38 -5.61 -23.80
N VAL B 137 1.38 -6.43 -24.10
CA VAL B 137 0.56 -6.23 -25.28
C VAL B 137 -0.90 -6.21 -24.91
N PHE B 138 -1.62 -5.20 -25.39
CA PHE B 138 -3.06 -5.09 -25.18
C PHE B 138 -3.77 -5.33 -26.51
N LEU B 139 -4.62 -6.35 -26.53
CA LEU B 139 -5.29 -6.73 -27.76
C LEU B 139 -6.76 -6.32 -27.66
N ASP B 140 -7.20 -5.43 -28.56
CA ASP B 140 -8.62 -5.04 -28.61
C ASP B 140 -9.02 -4.59 -30.03
N HIS B 141 -8.41 -5.23 -31.02
CA HIS B 141 -8.71 -4.96 -32.41
C HIS B 141 -9.68 -6.04 -32.97
N TRP B 142 -9.59 -6.41 -34.25
CA TRP B 142 -10.45 -7.47 -34.79
C TRP B 142 -10.23 -8.80 -34.07
N LYS B 143 -11.33 -9.42 -33.66
CA LYS B 143 -11.25 -10.56 -32.75
C LYS B 143 -10.61 -11.78 -33.38
N ASP B 144 -10.85 -11.99 -34.68
CA ASP B 144 -10.27 -13.13 -35.39
C ASP B 144 -8.76 -12.92 -35.59
N ARG B 145 -8.24 -11.78 -35.15
CA ARG B 145 -6.82 -11.51 -35.28
C ARG B 145 -6.02 -11.64 -33.98
N TYR B 146 -6.67 -11.84 -32.83
CA TYR B 146 -5.91 -12.03 -31.60
C TYR B 146 -4.94 -13.20 -31.71
N LEU B 147 -5.43 -14.35 -32.17
CA LEU B 147 -4.57 -15.52 -32.24
C LEU B 147 -3.47 -15.36 -33.29
N PRO B 148 -3.82 -15.07 -34.56
CA PRO B 148 -2.70 -14.97 -35.50
C PRO B 148 -1.70 -13.87 -35.18
N ASP B 149 -2.15 -12.74 -34.60
CA ASP B 149 -1.21 -11.68 -34.24
C ASP B 149 -0.34 -12.07 -33.04
N THR B 150 -0.88 -12.84 -32.12
CA THR B 150 -0.07 -13.40 -31.04
C THR B 150 1.04 -14.33 -31.61
N LEU B 151 0.68 -15.20 -32.55
CA LEU B 151 1.65 -16.09 -33.18
C LEU B 151 2.68 -15.30 -33.99
N LEU B 152 2.24 -14.20 -34.62
CA LEU B 152 3.15 -13.33 -35.36
C LEU B 152 4.12 -12.59 -34.43
N LEU B 153 3.61 -12.10 -33.30
CA LEU B 153 4.47 -11.45 -32.32
C LEU B 153 5.55 -12.41 -31.83
N GLU B 154 5.17 -13.66 -31.60
CA GLU B 154 6.13 -14.64 -31.15
C GLU B 154 7.18 -14.93 -32.24
N LYS B 155 6.72 -15.22 -33.46
CA LYS B 155 7.56 -15.42 -34.65
C LYS B 155 8.61 -14.34 -34.79
N CYS B 156 8.18 -13.11 -34.59
CA CYS B 156 9.01 -11.95 -34.87
C CYS B 156 9.95 -11.67 -33.71
N GLY B 157 9.86 -12.48 -32.67
CA GLY B 157 10.73 -12.32 -31.51
C GLY B 157 10.38 -11.12 -30.65
N LEU B 158 9.12 -10.75 -30.59
CA LEU B 158 8.74 -9.56 -29.84
C LEU B 158 8.33 -9.92 -28.42
N LEU B 159 8.25 -11.21 -28.14
CA LEU B 159 7.84 -11.67 -26.84
C LEU B 159 9.03 -12.23 -26.08
N ARG B 160 9.13 -11.89 -24.80
CA ARG B 160 10.11 -12.54 -23.93
C ARG B 160 9.40 -13.17 -22.75
N LYS B 161 10.13 -13.98 -22.00
CA LYS B 161 9.61 -14.55 -20.77
C LYS B 161 9.11 -13.43 -19.84
N GLY B 162 7.85 -13.47 -19.45
CA GLY B 162 7.31 -12.43 -18.60
C GLY B 162 6.47 -11.37 -19.31
N THR B 163 6.51 -11.34 -20.64
CA THR B 163 5.66 -10.42 -21.41
C THR B 163 4.20 -10.73 -21.10
N VAL B 164 3.45 -9.70 -20.75
CA VAL B 164 2.05 -9.82 -20.42
C VAL B 164 1.17 -9.49 -21.62
N LEU B 165 0.38 -10.46 -22.08
CA LEU B 165 -0.68 -10.15 -23.04
C LEU B 165 -1.98 -9.98 -22.31
N LEU B 166 -2.70 -8.92 -22.64
CA LEU B 166 -4.01 -8.68 -22.04
C LEU B 166 -5.02 -8.55 -23.17
N ALA B 167 -6.02 -9.43 -23.19
CA ALA B 167 -6.94 -9.45 -24.32
C ALA B 167 -8.35 -9.12 -23.88
N ASP B 168 -8.96 -8.11 -24.49
CA ASP B 168 -10.33 -7.72 -24.13
C ASP B 168 -11.38 -8.45 -25.00
N ASN B 169 -12.63 -8.41 -24.54
CA ASN B 169 -13.76 -8.99 -25.26
C ASN B 169 -13.60 -10.49 -25.57
N VAL B 170 -12.90 -11.23 -24.72
CA VAL B 170 -12.68 -12.66 -25.00
C VAL B 170 -13.92 -13.51 -24.73
N ILE B 171 -14.95 -12.91 -24.14
CA ILE B 171 -16.21 -13.60 -23.92
C ILE B 171 -17.29 -13.06 -24.87
N VAL B 172 -17.37 -11.73 -24.94
CA VAL B 172 -18.35 -11.04 -25.75
C VAL B 172 -17.65 -10.03 -26.65
N PRO B 173 -17.71 -10.24 -27.98
CA PRO B 173 -18.45 -11.33 -28.63
C PRO B 173 -17.68 -12.64 -28.62
N GLY B 174 -16.46 -12.59 -28.07
CA GLY B 174 -15.70 -13.80 -27.82
C GLY B 174 -14.55 -14.04 -28.78
N THR B 175 -13.47 -14.63 -28.25
CA THR B 175 -12.32 -15.03 -29.05
C THR B 175 -11.96 -16.48 -28.71
N PRO B 176 -12.85 -17.43 -29.07
CA PRO B 176 -12.63 -18.81 -28.65
C PRO B 176 -11.30 -19.41 -29.14
N ASP B 177 -10.93 -19.22 -30.41
CA ASP B 177 -9.67 -19.80 -30.90
C ASP B 177 -8.49 -19.28 -30.10
N PHE B 178 -8.45 -17.97 -29.83
CA PHE B 178 -7.39 -17.36 -29.02
C PHE B 178 -7.32 -17.97 -27.63
N LEU B 179 -8.47 -18.06 -26.96
CA LEU B 179 -8.50 -18.58 -25.60
C LEU B 179 -8.01 -20.02 -25.54
N ALA B 180 -8.56 -20.86 -26.40
CA ALA B 180 -8.21 -22.26 -26.49
C ALA B 180 -6.71 -22.43 -26.66
N TYR B 181 -6.10 -21.58 -27.48
CA TYR B 181 -4.67 -21.65 -27.72
C TYR B 181 -3.86 -21.27 -26.48
N VAL B 182 -4.07 -20.06 -25.94
CA VAL B 182 -3.18 -19.60 -24.87
C VAL B 182 -3.39 -20.43 -23.60
N ARG B 183 -4.63 -20.87 -23.35
CA ARG B 183 -4.88 -21.68 -22.18
C ARG B 183 -4.33 -23.10 -22.39
N GLY B 184 -4.39 -23.58 -23.63
CA GLY B 184 -3.94 -24.91 -23.95
C GLY B 184 -2.43 -25.05 -24.04
N SER B 185 -1.75 -23.94 -24.27
CA SER B 185 -0.30 -23.98 -24.54
C SER B 185 0.55 -23.68 -23.31
N SER B 186 1.65 -24.41 -23.16
CA SER B 186 2.53 -24.19 -22.00
C SER B 186 3.38 -22.94 -22.14
N SER B 187 3.29 -22.28 -23.30
CA SER B 187 3.99 -21.00 -23.48
C SER B 187 3.27 -19.82 -22.82
N PHE B 188 2.05 -20.05 -22.32
CA PHE B 188 1.27 -18.97 -21.67
C PHE B 188 0.61 -19.43 -20.38
N GLU B 189 0.86 -18.66 -19.32
CA GLU B 189 0.16 -18.85 -18.06
C GLU B 189 -0.99 -17.84 -18.03
N CYS B 190 -2.22 -18.32 -17.92
CA CYS B 190 -3.41 -17.50 -18.15
C CYS B 190 -4.25 -17.25 -16.90
N THR B 191 -4.79 -16.04 -16.82
CA THR B 191 -5.75 -15.68 -15.80
C THR B 191 -6.95 -15.01 -16.49
N HIS B 192 -8.16 -15.42 -16.15
CA HIS B 192 -9.35 -14.78 -16.68
C HIS B 192 -9.98 -13.81 -15.67
N TYR B 193 -10.26 -12.60 -16.14
CA TYR B 193 -10.93 -11.59 -15.30
C TYR B 193 -12.30 -11.29 -15.86
N SER B 194 -13.35 -11.66 -15.12
CA SER B 194 -14.70 -11.35 -15.54
C SER B 194 -15.03 -9.88 -15.34
N SER B 195 -15.87 -9.35 -16.22
CA SER B 195 -16.38 -8.00 -16.07
C SER B 195 -17.83 -7.94 -16.53
N TYR B 196 -18.70 -7.45 -15.66
CA TYR B 196 -20.12 -7.35 -15.95
C TYR B 196 -20.42 -6.03 -16.64
N LEU B 197 -21.04 -6.10 -17.82
CA LEU B 197 -21.44 -4.90 -18.53
C LEU B 197 -22.82 -4.47 -18.05
N GLU B 198 -22.81 -3.43 -17.21
CA GLU B 198 -23.99 -2.98 -16.47
C GLU B 198 -25.18 -2.62 -17.37
N TYR B 199 -24.91 -1.80 -18.38
CA TYR B 199 -25.97 -1.27 -19.23
C TYR B 199 -26.30 -2.17 -20.42
N MET B 200 -26.00 -3.45 -20.29
CA MET B 200 -26.30 -4.43 -21.33
C MET B 200 -26.63 -5.76 -20.67
N LYS B 201 -26.35 -5.84 -19.36
CA LYS B 201 -26.66 -6.99 -18.55
C LYS B 201 -26.03 -8.28 -19.08
N VAL B 202 -24.76 -8.19 -19.49
CA VAL B 202 -24.04 -9.36 -19.96
C VAL B 202 -22.65 -9.39 -19.34
N VAL B 203 -22.12 -10.59 -19.15
CA VAL B 203 -20.78 -10.74 -18.60
C VAL B 203 -19.76 -10.88 -19.71
N ASP B 204 -18.76 -10.01 -19.70
CA ASP B 204 -17.61 -10.10 -20.58
C ASP B 204 -16.40 -10.47 -19.73
N GLY B 205 -15.21 -10.43 -20.30
CA GLY B 205 -14.01 -10.70 -19.55
C GLY B 205 -12.76 -10.35 -20.33
N LEU B 206 -11.65 -10.25 -19.60
CA LEU B 206 -10.33 -10.09 -20.19
C LEU B 206 -9.53 -11.32 -19.86
N GLU B 207 -8.62 -11.68 -20.75
CA GLU B 207 -7.66 -12.74 -20.44
C GLU B 207 -6.26 -12.13 -20.31
N LYS B 208 -5.60 -12.41 -19.20
CA LYS B 208 -4.18 -12.09 -19.08
C LYS B 208 -3.39 -13.37 -19.36
N ALA B 209 -2.47 -13.28 -20.33
CA ALA B 209 -1.66 -14.42 -20.72
C ALA B 209 -0.19 -14.01 -20.68
N ILE B 210 0.57 -14.61 -19.77
CA ILE B 210 1.97 -14.25 -19.56
C ILE B 210 2.86 -15.26 -20.27
N TYR B 211 3.69 -14.75 -21.18
CA TYR B 211 4.55 -15.60 -22.01
C TYR B 211 5.59 -16.27 -21.14
N GLN B 212 5.77 -17.57 -21.35
CA GLN B 212 6.67 -18.37 -20.52
C GLN B 212 7.94 -18.72 -21.30
N GLY B 213 7.92 -18.42 -22.60
CA GLY B 213 9.00 -18.81 -23.49
C GLY B 213 8.44 -19.76 -24.52
N PRO B 214 9.17 -19.97 -25.62
CA PRO B 214 8.67 -20.86 -26.68
C PRO B 214 8.58 -22.32 -26.27
N SER B 215 7.71 -23.08 -26.92
CA SER B 215 7.75 -24.54 -26.88
C SER B 215 9.14 -25.04 -27.30
N SER B 216 9.66 -26.05 -26.59
CA SER B 216 11.03 -26.53 -26.83
C SER B 216 11.04 -27.91 -27.48
N PRO B 217 11.98 -28.13 -28.42
CA PRO B 217 12.06 -29.38 -29.17
C PRO B 217 12.18 -30.63 -28.29
N ASP B 218 11.75 -31.78 -28.81
CA ASP B 218 11.88 -33.07 -28.14
C ASP B 218 13.35 -33.46 -27.92
N LYS B 219 13.62 -34.12 -26.79
CA LYS B 219 14.99 -34.52 -26.41
C LYS B 219 15.33 -35.97 -26.74
N GLY C 1 -11.31 -22.56 18.03
CA GLY C 1 -10.22 -23.14 17.25
C GLY C 1 -8.99 -22.25 17.23
N ASP C 2 -8.31 -22.24 16.09
CA ASP C 2 -7.02 -21.59 15.95
C ASP C 2 -7.15 -20.15 15.42
N THR C 3 -6.45 -19.22 16.06
CA THR C 3 -6.50 -17.82 15.64
C THR C 3 -5.12 -17.34 15.25
N LYS C 4 -5.08 -16.24 14.48
CA LYS C 4 -3.82 -15.60 14.17
C LYS C 4 -2.98 -15.28 15.42
N GLU C 5 -3.63 -14.78 16.47
CA GLU C 5 -2.89 -14.41 17.68
C GLU C 5 -2.27 -15.64 18.37
N GLN C 6 -3.02 -16.72 18.47
CA GLN C 6 -2.46 -17.99 18.94
C GLN C 6 -1.30 -18.49 18.08
N ARG C 7 -1.37 -18.25 16.77
CA ARG C 7 -0.28 -18.68 15.87
C ARG C 7 0.97 -17.86 16.13
N ILE C 8 0.82 -16.57 16.38
CA ILE C 8 1.96 -15.72 16.68
C ILE C 8 2.64 -16.21 17.97
N LEU C 9 1.85 -16.46 19.02
CA LEU C 9 2.38 -16.97 20.27
C LEU C 9 3.10 -18.32 20.09
N ARG C 10 2.49 -19.23 19.35
CA ARG C 10 3.12 -20.53 19.07
C ARG C 10 4.45 -20.38 18.37
N TYR C 11 4.46 -19.52 17.35
CA TYR C 11 5.68 -19.29 16.59
C TYR C 11 6.77 -18.77 17.52
N VAL C 12 6.42 -17.88 18.44
CA VAL C 12 7.42 -17.36 19.36
C VAL C 12 7.92 -18.48 20.28
N GLN C 13 7.00 -19.26 20.82
CA GLN C 13 7.37 -20.29 21.76
C GLN C 13 8.26 -21.35 21.08
N GLN C 14 8.04 -21.55 19.80
CA GLN C 14 8.78 -22.56 19.07
C GLN C 14 10.16 -22.04 18.66
N ASN C 15 10.24 -20.78 18.26
CA ASN C 15 11.45 -20.26 17.63
C ASN C 15 12.26 -19.28 18.46
N ALA C 16 11.64 -18.63 19.44
CA ALA C 16 12.39 -17.71 20.31
C ALA C 16 12.95 -18.46 21.50
N LYS C 17 13.74 -17.76 22.29
CA LYS C 17 14.31 -18.33 23.50
C LYS C 17 13.68 -17.69 24.73
N PRO C 18 13.18 -18.51 25.68
CA PRO C 18 12.56 -17.98 26.90
C PRO C 18 13.52 -17.11 27.71
N GLY C 19 13.01 -16.03 28.30
CA GLY C 19 13.83 -15.09 29.03
C GLY C 19 14.67 -14.18 28.15
N ASP C 20 14.45 -14.22 26.84
CA ASP C 20 15.23 -13.39 25.92
C ASP C 20 14.29 -12.53 25.06
N PRO C 21 13.96 -11.32 25.56
CA PRO C 21 13.00 -10.41 24.93
C PRO C 21 13.35 -10.07 23.50
N GLN C 22 14.65 -9.90 23.23
CA GLN C 22 15.10 -9.60 21.88
C GLN C 22 14.72 -10.72 20.91
N SER C 23 14.86 -11.97 21.32
CA SER C 23 14.52 -13.07 20.42
C SER C 23 13.01 -13.12 20.19
N VAL C 24 12.23 -12.75 21.20
CA VAL C 24 10.78 -12.72 21.07
C VAL C 24 10.34 -11.66 20.05
N LEU C 25 10.95 -10.48 20.13
CA LEU C 25 10.65 -9.42 19.19
C LEU C 25 10.98 -9.81 17.76
N GLU C 26 12.13 -10.43 17.58
CA GLU C 26 12.58 -10.84 16.25
C GLU C 26 11.69 -11.94 15.68
N ALA C 27 11.30 -12.93 16.51
CA ALA C 27 10.39 -13.95 16.05
C ALA C 27 9.05 -13.36 15.58
N ILE C 28 8.47 -12.47 16.38
CA ILE C 28 7.19 -11.86 16.03
C ILE C 28 7.31 -11.09 14.72
N ASP C 29 8.38 -10.32 14.59
CA ASP C 29 8.57 -9.48 13.41
C ASP C 29 8.80 -10.39 12.20
N THR C 30 9.53 -11.48 12.40
CA THR C 30 9.75 -12.43 11.31
C THR C 30 8.42 -13.02 10.86
N TYR C 31 7.64 -13.50 11.81
CA TYR C 31 6.34 -14.08 11.51
C TYR C 31 5.43 -13.16 10.73
N CYS C 32 5.30 -11.92 11.22
CA CYS C 32 4.36 -10.97 10.63
C CYS C 32 4.87 -10.47 9.28
N THR C 33 6.18 -10.53 9.07
CA THR C 33 6.78 -10.16 7.80
C THR C 33 6.67 -11.29 6.78
N GLN C 34 6.87 -12.53 7.23
CA GLN C 34 6.95 -13.65 6.30
C GLN C 34 5.73 -14.55 6.20
N LYS C 35 4.90 -14.60 7.24
CA LYS C 35 3.80 -15.57 7.23
C LYS C 35 2.42 -14.93 7.18
N GLU C 36 2.10 -14.07 8.15
CA GLU C 36 0.85 -13.33 8.03
C GLU C 36 0.91 -12.03 8.79
N TRP C 37 0.39 -10.99 8.15
CA TRP C 37 0.32 -9.66 8.72
C TRP C 37 -0.38 -9.65 10.06
N ALA C 38 -0.01 -8.72 10.92
CA ALA C 38 -0.70 -8.50 12.19
C ALA C 38 -0.54 -7.05 12.65
N MET C 39 -1.55 -6.56 13.36
CA MET C 39 -1.52 -5.22 13.93
C MET C 39 -0.39 -5.04 14.93
N ASN C 40 0.05 -3.78 15.08
CA ASN C 40 0.80 -3.34 16.25
C ASN C 40 2.13 -4.05 16.45
N VAL C 41 2.83 -4.32 15.36
CA VAL C 41 4.19 -4.83 15.44
C VAL C 41 5.07 -3.97 14.54
N GLY C 42 6.31 -4.41 14.30
CA GLY C 42 7.19 -3.69 13.39
C GLY C 42 8.43 -3.14 14.07
N ASP C 43 9.59 -3.61 13.63
CA ASP C 43 10.82 -3.22 14.26
C ASP C 43 11.18 -1.75 13.98
N ALA C 44 10.74 -1.22 12.85
CA ALA C 44 11.09 0.17 12.51
C ALA C 44 10.47 1.12 13.52
N LYS C 45 9.16 0.98 13.73
CA LYS C 45 8.48 1.78 14.74
C LYS C 45 8.96 1.43 16.14
N GLY C 46 9.25 0.16 16.37
CA GLY C 46 9.79 -0.29 17.66
C GLY C 46 11.05 0.46 18.04
N GLN C 47 11.86 0.80 17.03
CA GLN C 47 13.10 1.53 17.24
C GLN C 47 12.86 2.95 17.75
N ILE C 48 11.84 3.61 17.19
CA ILE C 48 11.39 4.90 17.68
C ILE C 48 10.95 4.77 19.14
N MET C 49 10.19 3.72 19.43
CA MET C 49 9.73 3.49 20.80
C MET C 49 10.89 3.31 21.76
N ASP C 50 11.88 2.50 21.36
CA ASP C 50 13.10 2.29 22.15
C ASP C 50 13.80 3.62 22.44
N ALA C 51 13.92 4.45 21.41
CA ALA C 51 14.65 5.69 21.55
C ALA C 51 13.97 6.57 22.60
N VAL C 52 12.64 6.58 22.56
CA VAL C 52 11.87 7.37 23.52
C VAL C 52 12.06 6.83 24.93
N ILE C 53 11.96 5.52 25.10
CA ILE C 53 12.14 4.93 26.43
C ILE C 53 13.52 5.25 27.01
N ARG C 54 14.56 5.10 26.19
CA ARG C 54 15.92 5.31 26.67
C ARG C 54 16.19 6.78 26.97
N GLU C 55 15.55 7.66 26.19
CA GLU C 55 15.74 9.09 26.37
C GLU C 55 15.08 9.62 27.64
N TYR C 56 13.89 9.13 27.95
CA TYR C 56 13.14 9.73 29.06
C TYR C 56 13.12 8.86 30.31
N SER C 57 13.59 7.62 30.17
CA SER C 57 13.66 6.66 31.29
C SER C 57 12.44 6.66 32.21
N PRO C 58 11.25 6.39 31.67
CA PRO C 58 10.04 6.45 32.51
C PRO C 58 10.04 5.36 33.58
N SER C 59 9.50 5.64 34.76
CA SER C 59 9.34 4.64 35.82
C SER C 59 7.97 3.97 35.78
N LEU C 60 6.98 4.70 35.28
CA LEU C 60 5.65 4.13 35.17
C LEU C 60 5.11 4.40 33.78
N VAL C 61 4.86 3.34 33.03
CA VAL C 61 4.35 3.47 31.68
C VAL C 61 2.94 2.90 31.58
N LEU C 62 2.06 3.59 30.87
CA LEU C 62 0.74 3.05 30.53
C LEU C 62 0.68 2.82 29.05
N GLU C 63 0.30 1.59 28.66
CA GLU C 63 0.09 1.26 27.26
C GLU C 63 -1.39 0.98 27.02
N LEU C 64 -1.94 1.60 25.98
CA LEU C 64 -3.32 1.37 25.58
C LEU C 64 -3.37 0.53 24.31
N GLY C 65 -3.80 -0.73 24.42
CA GLY C 65 -3.94 -1.63 23.27
C GLY C 65 -2.82 -2.64 23.12
N ALA C 66 -2.66 -3.53 24.08
CA ALA C 66 -1.57 -4.53 24.10
C ALA C 66 -1.58 -5.49 22.91
N TYR C 67 -2.78 -5.89 22.47
CA TYR C 67 -2.96 -6.90 21.43
C TYR C 67 -2.28 -8.23 21.83
N CYS C 68 -1.17 -8.60 21.17
CA CYS C 68 -0.46 -9.84 21.52
C CYS C 68 0.74 -9.66 22.42
N GLY C 69 1.05 -8.41 22.73
CA GLY C 69 2.09 -8.08 23.67
C GLY C 69 3.43 -7.71 23.05
N TYR C 70 3.47 -7.44 21.75
CA TYR C 70 4.73 -7.03 21.14
C TYR C 70 5.30 -5.77 21.81
N SER C 71 4.49 -4.70 21.84
CA SER C 71 4.92 -3.42 22.39
C SER C 71 5.19 -3.50 23.89
N ALA C 72 4.44 -4.34 24.58
CA ALA C 72 4.68 -4.57 26.00
C ALA C 72 6.07 -5.18 26.21
N VAL C 73 6.42 -6.15 25.37
CA VAL C 73 7.75 -6.75 25.42
C VAL C 73 8.80 -5.71 25.02
N ARG C 74 8.50 -4.96 23.97
CA ARG C 74 9.43 -3.96 23.47
C ARG C 74 9.83 -2.97 24.55
N MET C 75 8.83 -2.43 25.24
CA MET C 75 9.06 -1.40 26.26
C MET C 75 9.55 -1.93 27.61
N ALA C 76 8.93 -3.00 28.13
CA ALA C 76 9.32 -3.53 29.45
C ALA C 76 10.76 -4.04 29.48
N ARG C 77 11.27 -4.53 28.37
CA ARG C 77 12.64 -5.01 28.33
C ARG C 77 13.63 -3.85 28.56
N LEU C 78 13.15 -2.62 28.44
CA LEU C 78 14.02 -1.47 28.56
C LEU C 78 13.81 -0.74 29.89
N LEU C 79 12.85 -1.20 30.67
CA LEU C 79 12.58 -0.62 31.97
C LEU C 79 13.61 -1.01 33.00
N GLN C 80 14.04 -0.03 33.80
CA GLN C 80 14.90 -0.23 34.95
C GLN C 80 14.23 -1.10 36.00
N PRO C 81 15.00 -1.66 36.94
CA PRO C 81 14.37 -2.39 38.05
C PRO C 81 13.43 -1.50 38.87
N GLY C 82 12.27 -2.04 39.24
CA GLY C 82 11.27 -1.26 39.95
C GLY C 82 10.36 -0.44 39.03
N ALA C 83 10.79 -0.23 37.80
CA ALA C 83 9.93 0.42 36.82
C ALA C 83 8.80 -0.54 36.44
N ARG C 84 7.67 0.02 36.03
CA ARG C 84 6.43 -0.73 35.88
C ARG C 84 5.76 -0.34 34.57
N LEU C 85 5.16 -1.32 33.91
CA LEU C 85 4.30 -1.09 32.75
C LEU C 85 2.89 -1.53 33.13
N LEU C 86 1.90 -0.68 32.87
CA LEU C 86 0.52 -1.13 32.94
C LEU C 86 0.01 -1.11 31.52
N THR C 87 -0.51 -2.22 31.05
CA THR C 87 -0.99 -2.28 29.68
C THR C 87 -2.45 -2.68 29.69
N MET C 88 -3.23 -1.99 28.88
CA MET C 88 -4.66 -2.26 28.81
C MET C 88 -5.02 -2.96 27.50
N GLU C 89 -5.87 -3.96 27.57
CA GLU C 89 -6.26 -4.72 26.38
C GLU C 89 -7.72 -5.08 26.52
N ILE C 90 -8.54 -4.62 25.57
CA ILE C 90 -9.98 -4.77 25.71
C ILE C 90 -10.47 -6.20 25.46
N ASN C 91 -9.76 -6.98 24.64
CA ASN C 91 -10.21 -8.34 24.29
C ASN C 91 -9.60 -9.39 25.23
N PRO C 92 -10.45 -10.18 25.92
CA PRO C 92 -9.89 -11.07 26.95
C PRO C 92 -8.95 -12.14 26.39
N ASP C 93 -9.17 -12.59 25.17
CA ASP C 93 -8.28 -13.59 24.57
C ASP C 93 -6.92 -12.99 24.24
N CYS C 94 -6.90 -11.78 23.68
CA CYS C 94 -5.65 -11.06 23.45
C CYS C 94 -4.94 -10.78 24.77
N ALA C 95 -5.70 -10.43 25.80
CA ALA C 95 -5.11 -10.23 27.12
C ALA C 95 -4.36 -11.49 27.58
N ALA C 96 -4.95 -12.65 27.34
CA ALA C 96 -4.33 -13.91 27.74
C ALA C 96 -3.07 -14.19 26.91
N ILE C 97 -3.12 -13.91 25.61
CA ILE C 97 -1.95 -14.07 24.75
C ILE C 97 -0.82 -13.15 25.22
N THR C 98 -1.18 -11.90 25.54
CA THR C 98 -0.21 -10.92 26.01
C THR C 98 0.46 -11.38 27.28
N GLN C 99 -0.30 -12.02 28.17
CA GLN C 99 0.29 -12.49 29.42
CA GLN C 99 0.27 -12.50 29.41
C GLN C 99 1.29 -13.61 29.17
N GLN C 100 0.91 -14.57 28.32
CA GLN C 100 1.76 -15.72 28.00
C GLN C 100 3.03 -15.22 27.31
N MET C 101 2.86 -14.23 26.43
CA MET C 101 3.97 -13.64 25.65
C MET C 101 5.02 -13.00 26.58
N LEU C 102 4.54 -12.25 27.56
CA LEU C 102 5.42 -11.62 28.54
C LEU C 102 6.08 -12.66 29.43
N ASN C 103 5.30 -13.66 29.84
CA ASN C 103 5.82 -14.76 30.62
C ASN C 103 7.00 -15.41 29.91
N PHE C 104 6.78 -15.82 28.67
CA PHE C 104 7.85 -16.43 27.88
C PHE C 104 9.08 -15.51 27.82
N ALA C 105 8.82 -14.22 27.67
CA ALA C 105 9.89 -13.24 27.54
C ALA C 105 10.65 -13.04 28.86
N GLY C 106 10.06 -13.50 29.96
CA GLY C 106 10.64 -13.30 31.29
C GLY C 106 10.37 -11.92 31.85
N LEU C 107 9.34 -11.26 31.33
CA LEU C 107 9.03 -9.88 31.73
C LEU C 107 7.75 -9.75 32.55
N GLN C 108 7.17 -10.89 32.93
CA GLN C 108 5.89 -10.90 33.63
C GLN C 108 5.92 -10.06 34.92
N ASP C 109 7.09 -9.90 35.54
CA ASP C 109 7.17 -9.13 36.79
C ASP C 109 7.20 -7.60 36.63
N LYS C 110 7.45 -7.10 35.42
CA LYS C 110 7.48 -5.64 35.19
C LYS C 110 6.15 -5.12 34.65
N VAL C 111 5.21 -6.03 34.41
CA VAL C 111 4.01 -5.70 33.65
C VAL C 111 2.74 -6.12 34.37
N THR C 112 1.78 -5.20 34.48
CA THR C 112 0.43 -5.55 34.88
C THR C 112 -0.51 -5.41 33.69
N ILE C 113 -1.22 -6.48 33.38
CA ILE C 113 -2.18 -6.45 32.29
C ILE C 113 -3.58 -6.24 32.78
N LEU C 114 -4.24 -5.22 32.23
CA LEU C 114 -5.61 -4.92 32.58
C LEU C 114 -6.51 -5.23 31.41
N ASN C 115 -7.50 -6.08 31.63
CA ASN C 115 -8.43 -6.45 30.58
C ASN C 115 -9.72 -5.69 30.74
N GLY C 116 -9.89 -4.63 29.96
CA GLY C 116 -11.09 -3.83 29.95
C GLY C 116 -10.97 -2.70 28.95
N ALA C 117 -12.02 -1.89 28.86
CA ALA C 117 -11.99 -0.71 28.00
C ALA C 117 -11.22 0.42 28.71
N SER C 118 -10.41 1.14 27.95
CA SER C 118 -9.58 2.20 28.49
C SER C 118 -10.38 3.22 29.33
N GLN C 119 -11.53 3.66 28.83
CA GLN C 119 -12.30 4.69 29.55
C GLN C 119 -12.91 4.17 30.86
N ASP C 120 -13.06 2.86 30.99
CA ASP C 120 -13.46 2.28 32.27
C ASP C 120 -12.28 2.12 33.23
N LEU C 121 -11.11 1.80 32.67
CA LEU C 121 -9.98 1.42 33.50
C LEU C 121 -9.11 2.59 33.96
N ILE C 122 -8.97 3.59 33.10
CA ILE C 122 -8.15 4.75 33.40
C ILE C 122 -8.56 5.44 34.71
N PRO C 123 -9.88 5.64 34.95
CA PRO C 123 -10.15 6.31 36.23
C PRO C 123 -9.91 5.41 37.47
N GLN C 124 -9.56 4.14 37.27
CA GLN C 124 -9.30 3.27 38.42
C GLN C 124 -7.81 3.17 38.77
N LEU C 125 -6.96 3.79 37.97
CA LEU C 125 -5.52 3.63 38.14
C LEU C 125 -5.00 4.16 39.49
N LYS C 126 -5.50 5.32 39.91
CA LYS C 126 -5.07 5.88 41.19
C LYS C 126 -5.54 5.00 42.35
N LYS C 127 -6.82 4.67 42.35
CA LYS C 127 -7.39 3.88 43.43
C LYS C 127 -6.85 2.46 43.47
N LYS C 128 -6.99 1.73 42.38
CA LYS C 128 -6.77 0.29 42.42
C LYS C 128 -5.34 -0.13 42.13
N TYR C 129 -4.59 0.70 41.42
CA TYR C 129 -3.25 0.28 41.02
C TYR C 129 -2.17 1.20 41.52
N ASP C 130 -2.48 1.92 42.60
CA ASP C 130 -1.48 2.64 43.37
C ASP C 130 -0.71 3.62 42.48
N VAL C 131 -1.43 4.32 41.60
CA VAL C 131 -0.78 5.21 40.66
C VAL C 131 -0.86 6.66 41.13
N ASP C 132 0.28 7.35 41.13
CA ASP C 132 0.27 8.79 41.32
C ASP C 132 0.11 9.45 39.97
N THR C 133 1.22 9.64 39.24
CA THR C 133 1.15 10.16 37.88
C THR C 133 1.92 9.24 36.91
N LEU C 134 1.53 9.27 35.65
CA LEU C 134 2.18 8.48 34.62
C LEU C 134 3.41 9.20 34.09
N ASP C 135 4.47 8.45 33.82
CA ASP C 135 5.66 9.05 33.20
C ASP C 135 5.57 8.98 31.69
N MET C 136 4.92 7.94 31.18
CA MET C 136 4.80 7.78 29.76
C MET C 136 3.53 7.04 29.38
N VAL C 137 2.90 7.49 28.31
CA VAL C 137 1.72 6.83 27.79
C VAL C 137 1.95 6.42 26.36
N PHE C 138 1.70 5.15 26.04
CA PHE C 138 1.76 4.71 24.65
C PHE C 138 0.36 4.37 24.15
N LEU C 139 -0.04 5.03 23.07
CA LEU C 139 -1.41 4.86 22.57
C LEU C 139 -1.37 4.08 21.28
N ASP C 140 -1.92 2.87 21.28
CA ASP C 140 -2.02 2.11 20.03
C ASP C 140 -3.31 1.26 20.00
N HIS C 141 -4.35 1.79 20.62
CA HIS C 141 -5.66 1.14 20.62
C HIS C 141 -6.61 1.73 19.54
N TRP C 142 -7.92 1.79 19.78
CA TRP C 142 -8.85 2.32 18.77
C TRP C 142 -8.54 3.79 18.48
N LYS C 143 -8.41 4.12 17.20
CA LYS C 143 -7.88 5.43 16.84
C LYS C 143 -8.79 6.58 17.30
N ASP C 144 -10.11 6.37 17.32
CA ASP C 144 -11.03 7.44 17.75
C ASP C 144 -10.98 7.65 19.26
N ARG C 145 -10.22 6.82 19.97
CA ARG C 145 -10.16 6.98 21.42
C ARG C 145 -8.90 7.71 21.91
N TYR C 146 -7.96 7.99 21.02
CA TYR C 146 -6.73 8.72 21.41
C TYR C 146 -7.01 10.06 22.12
N LEU C 147 -7.85 10.88 21.50
CA LEU C 147 -8.14 12.19 22.07
C LEU C 147 -9.00 12.08 23.35
N PRO C 148 -10.12 11.33 23.32
CA PRO C 148 -10.88 11.38 24.58
C PRO C 148 -10.12 10.69 25.75
N ASP C 149 -9.36 9.63 25.49
CA ASP C 149 -8.56 9.03 26.57
C ASP C 149 -7.45 9.96 27.03
N THR C 150 -6.87 10.73 26.13
CA THR C 150 -5.91 11.76 26.55
C THR C 150 -6.58 12.80 27.47
N LEU C 151 -7.77 13.26 27.09
CA LEU C 151 -8.50 14.21 27.91
C LEU C 151 -8.91 13.59 29.25
N LEU C 152 -9.24 12.30 29.23
CA LEU C 152 -9.61 11.59 30.46
C LEU C 152 -8.42 11.43 31.40
N LEU C 153 -7.25 11.16 30.83
CA LEU C 153 -6.02 11.04 31.61
C LEU C 153 -5.70 12.37 32.31
N GLU C 154 -5.84 13.46 31.57
CA GLU C 154 -5.64 14.77 32.15
C GLU C 154 -6.65 15.05 33.28
N LYS C 155 -7.94 14.90 32.96
CA LYS C 155 -9.05 14.93 33.94
C LYS C 155 -8.75 14.25 35.25
N CYS C 156 -8.15 13.06 35.15
CA CYS C 156 -8.00 12.16 36.28
C CYS C 156 -6.72 12.46 37.03
N GLY C 157 -5.99 13.47 36.57
CA GLY C 157 -4.74 13.86 37.19
C GLY C 157 -3.61 12.85 37.00
N LEU C 158 -3.58 12.19 35.86
CA LEU C 158 -2.57 11.16 35.64
C LEU C 158 -1.37 11.72 34.87
N LEU C 159 -1.51 12.92 34.35
CA LEU C 159 -0.44 13.55 33.61
C LEU C 159 0.29 14.57 34.49
N ARG C 160 1.59 14.68 34.30
CA ARG C 160 2.38 15.69 34.99
C ARG C 160 3.20 16.45 33.97
N LYS C 161 3.84 17.54 34.40
CA LYS C 161 4.72 18.24 33.49
C LYS C 161 5.88 17.34 33.05
N GLY C 162 6.01 17.14 31.75
CA GLY C 162 7.04 16.27 31.23
C GLY C 162 6.61 14.83 30.94
N THR C 163 5.34 14.50 31.20
CA THR C 163 4.83 13.17 30.80
C THR C 163 4.85 13.02 29.29
N VAL C 164 5.41 11.92 28.82
CA VAL C 164 5.55 11.69 27.39
C VAL C 164 4.39 10.85 26.85
N LEU C 165 3.58 11.42 25.96
CA LEU C 165 2.65 10.62 25.17
C LEU C 165 3.28 10.23 23.86
N LEU C 166 3.21 8.95 23.53
CA LEU C 166 3.64 8.50 22.22
C LEU C 166 2.49 7.79 21.53
N ALA C 167 2.07 8.29 20.39
CA ALA C 167 0.85 7.80 19.75
C ALA C 167 1.13 7.24 18.38
N ASP C 168 0.73 5.99 18.14
CA ASP C 168 1.04 5.32 16.87
C ASP C 168 -0.10 5.47 15.84
N ASN C 169 0.23 5.24 14.57
CA ASN C 169 -0.76 5.26 13.50
C ASN C 169 -1.51 6.60 13.40
N VAL C 170 -0.83 7.70 13.69
CA VAL C 170 -1.50 9.02 13.65
C VAL C 170 -1.64 9.54 12.22
N ILE C 171 -1.03 8.86 11.27
CA ILE C 171 -1.20 9.24 9.86
C ILE C 171 -2.04 8.20 9.13
N VAL C 172 -1.77 6.93 9.41
CA VAL C 172 -2.52 5.84 8.79
C VAL C 172 -2.86 4.83 9.86
N PRO C 173 -4.16 4.58 10.10
CA PRO C 173 -5.32 5.18 9.41
C PRO C 173 -5.51 6.67 9.67
N GLY C 174 -4.83 7.19 10.69
CA GLY C 174 -4.86 8.62 10.97
C GLY C 174 -5.66 8.93 12.21
N THR C 175 -5.21 9.92 12.97
CA THR C 175 -5.94 10.41 14.15
C THR C 175 -6.06 11.93 14.07
N PRO C 176 -6.85 12.45 13.12
CA PRO C 176 -6.88 13.90 12.89
C PRO C 176 -7.31 14.72 14.12
N ASP C 177 -8.27 14.26 14.91
CA ASP C 177 -8.73 15.11 16.02
C ASP C 177 -7.67 15.15 17.13
N PHE C 178 -7.04 14.01 17.41
CA PHE C 178 -5.94 13.95 18.37
C PHE C 178 -4.80 14.89 17.97
N LEU C 179 -4.34 14.76 16.73
CA LEU C 179 -3.23 15.59 16.26
C LEU C 179 -3.54 17.08 16.36
N ALA C 180 -4.70 17.48 15.85
CA ALA C 180 -5.14 18.86 15.94
C ALA C 180 -5.08 19.37 17.38
N TYR C 181 -5.59 18.55 18.31
CA TYR C 181 -5.62 18.96 19.71
C TYR C 181 -4.23 19.11 20.30
N VAL C 182 -3.38 18.08 20.23
CA VAL C 182 -2.12 18.13 20.95
C VAL C 182 -1.18 19.18 20.32
N ARG C 183 -1.17 19.27 18.99
CA ARG C 183 -0.30 20.24 18.33
C ARG C 183 -0.79 21.69 18.56
N GLY C 184 -2.11 21.87 18.61
CA GLY C 184 -2.68 23.18 18.83
C GLY C 184 -2.56 23.68 20.25
N SER C 185 -2.63 22.77 21.21
CA SER C 185 -2.69 23.15 22.62
C SER C 185 -1.32 23.50 23.18
N SER C 186 -1.25 24.53 24.02
CA SER C 186 0.02 24.85 24.66
C SER C 186 0.35 23.83 25.75
N SER C 187 -0.57 22.91 26.01
CA SER C 187 -0.30 21.86 27.02
C SER C 187 0.53 20.69 26.48
N PHE C 188 0.91 20.73 25.21
CA PHE C 188 1.71 19.64 24.64
C PHE C 188 2.77 20.16 23.70
N GLU C 189 4.01 19.75 23.92
CA GLU C 189 5.05 20.01 22.94
C GLU C 189 5.20 18.77 22.05
N CYS C 190 5.03 18.94 20.74
CA CYS C 190 4.87 17.80 19.84
C CYS C 190 5.97 17.60 18.80
N THR C 191 6.41 16.36 18.66
CA THR C 191 7.36 15.97 17.63
C THR C 191 6.77 14.83 16.83
N HIS C 192 6.88 14.90 15.50
CA HIS C 192 6.36 13.84 14.65
C HIS C 192 7.49 12.96 14.12
N TYR C 193 7.37 11.66 14.37
CA TYR C 193 8.34 10.66 13.87
C TYR C 193 7.70 9.88 12.75
N SER C 194 8.23 10.05 11.53
CA SER C 194 7.72 9.33 10.37
C SER C 194 8.33 7.94 10.28
N SER C 195 7.60 7.03 9.65
CA SER C 195 8.06 5.69 9.39
C SER C 195 7.17 5.06 8.33
N TYR C 196 7.80 4.46 7.33
CA TYR C 196 7.07 3.71 6.34
C TYR C 196 6.57 2.41 6.93
N LEU C 197 5.29 2.12 6.68
CA LEU C 197 4.70 0.86 7.09
C LEU C 197 5.43 -0.35 6.52
N GLU C 198 5.70 -1.33 7.39
CA GLU C 198 6.34 -2.59 7.03
C GLU C 198 5.72 -3.27 5.82
N TYR C 199 4.41 -3.16 5.71
CA TYR C 199 3.63 -3.96 4.78
C TYR C 199 3.06 -3.16 3.60
N MET C 200 2.65 -1.93 3.85
CA MET C 200 1.77 -1.22 2.91
C MET C 200 2.47 -0.23 1.97
N LYS C 201 3.74 0.09 2.25
CA LYS C 201 4.47 1.05 1.43
C LYS C 201 3.78 2.41 1.33
N VAL C 202 3.14 2.81 2.42
CA VAL C 202 2.67 4.19 2.55
C VAL C 202 3.38 4.76 3.77
N VAL C 203 3.44 6.08 3.88
CA VAL C 203 4.08 6.72 5.02
C VAL C 203 3.13 6.80 6.22
N ASP C 204 3.60 6.37 7.39
CA ASP C 204 2.84 6.52 8.62
C ASP C 204 3.68 7.37 9.57
N GLY C 205 3.22 7.53 10.81
CA GLY C 205 4.00 8.26 11.78
C GLY C 205 3.55 8.05 13.21
N LEU C 206 4.42 8.37 14.14
CA LEU C 206 4.07 8.45 15.55
C LEU C 206 4.18 9.90 15.98
N GLU C 207 3.31 10.30 16.90
CA GLU C 207 3.40 11.63 17.51
C GLU C 207 3.90 11.50 18.94
N LYS C 208 4.98 12.18 19.26
CA LYS C 208 5.44 12.31 20.64
C LYS C 208 4.93 13.63 21.19
N ALA C 209 4.03 13.58 22.16
CA ALA C 209 3.47 14.78 22.75
C ALA C 209 3.87 14.83 24.21
N ILE C 210 4.57 15.89 24.59
CA ILE C 210 5.03 16.04 25.96
C ILE C 210 4.15 17.05 26.70
N TYR C 211 3.53 16.57 27.77
CA TYR C 211 2.61 17.37 28.56
C TYR C 211 3.35 18.49 29.27
N GLN C 212 2.80 19.70 29.21
CA GLN C 212 3.47 20.88 29.77
C GLN C 212 2.74 21.37 31.02
N GLY C 213 1.68 20.66 31.41
CA GLY C 213 0.83 21.11 32.49
C GLY C 213 -0.44 21.69 31.94
N PRO C 214 -1.46 21.85 32.80
CA PRO C 214 -2.79 22.30 32.37
C PRO C 214 -2.79 23.68 31.71
N SER C 215 -3.72 23.91 30.80
CA SER C 215 -3.97 25.23 30.24
C SER C 215 -4.50 26.17 31.32
N SER C 216 -3.83 27.29 31.54
CA SER C 216 -4.15 28.20 32.65
C SER C 216 -5.37 29.07 32.36
N PRO C 217 -6.14 29.40 33.41
CA PRO C 217 -7.31 30.28 33.30
C PRO C 217 -6.98 31.72 32.86
N ASP C 218 -8.03 32.51 32.62
CA ASP C 218 -7.90 33.88 32.18
C ASP C 218 -7.55 34.83 33.34
N LYS C 219 -6.63 35.76 33.08
CA LYS C 219 -6.13 36.66 34.12
C LYS C 219 -6.87 38.00 34.14
N GLY D 1 49.18 -0.22 -0.65
CA GLY D 1 48.80 -1.32 0.21
C GLY D 1 47.29 -1.46 0.36
N ASP D 2 46.88 -2.46 1.13
CA ASP D 2 45.48 -2.79 1.28
C ASP D 2 44.71 -1.68 2.01
N THR D 3 43.42 -1.55 1.71
CA THR D 3 42.58 -0.61 2.44
C THR D 3 41.26 -1.25 2.77
N LYS D 4 40.55 -0.67 3.73
CA LYS D 4 39.22 -1.15 4.08
C LYS D 4 38.31 -1.16 2.84
N GLU D 5 38.38 -0.10 2.05
CA GLU D 5 37.49 0.03 0.91
C GLU D 5 37.82 -1.05 -0.13
N GLN D 6 39.10 -1.36 -0.33
CA GLN D 6 39.44 -2.48 -1.22
C GLN D 6 38.95 -3.82 -0.68
N ARG D 7 39.01 -3.98 0.65
CA ARG D 7 38.57 -5.23 1.27
C ARG D 7 37.07 -5.41 1.10
N ILE D 8 36.33 -4.32 1.18
CA ILE D 8 34.88 -4.42 1.03
C ILE D 8 34.54 -4.94 -0.37
N LEU D 9 35.16 -4.34 -1.37
CA LEU D 9 34.93 -4.73 -2.75
C LEU D 9 35.32 -6.18 -3.05
N ARG D 10 36.47 -6.60 -2.53
CA ARG D 10 36.94 -7.97 -2.75
C ARG D 10 35.97 -8.98 -2.12
N TYR D 11 35.50 -8.67 -0.92
CA TYR D 11 34.48 -9.49 -0.25
C TYR D 11 33.19 -9.60 -1.09
N VAL D 12 32.77 -8.50 -1.71
CA VAL D 12 31.63 -8.54 -2.61
C VAL D 12 31.95 -9.42 -3.81
N GLN D 13 33.11 -9.18 -4.41
CA GLN D 13 33.48 -9.93 -5.58
C GLN D 13 33.60 -11.43 -5.27
N GLN D 14 34.06 -11.77 -4.08
CA GLN D 14 34.21 -13.15 -3.67
C GLN D 14 32.87 -13.79 -3.29
N ASN D 15 32.00 -13.06 -2.61
CA ASN D 15 30.80 -13.66 -2.03
C ASN D 15 29.46 -13.31 -2.66
N ALA D 16 29.39 -12.17 -3.34
CA ALA D 16 28.13 -11.81 -4.00
C ALA D 16 28.04 -12.41 -5.40
N LYS D 17 26.91 -12.21 -6.06
CA LYS D 17 26.70 -12.70 -7.42
C LYS D 17 26.73 -11.54 -8.42
N PRO D 18 27.51 -11.67 -9.51
CA PRO D 18 27.55 -10.62 -10.52
C PRO D 18 26.17 -10.38 -11.12
N GLY D 19 25.78 -9.11 -11.29
CA GLY D 19 24.50 -8.78 -11.88
C GLY D 19 23.35 -8.90 -10.90
N ASP D 20 23.65 -9.13 -9.63
CA ASP D 20 22.62 -9.31 -8.60
C ASP D 20 22.81 -8.26 -7.49
N PRO D 21 22.22 -7.08 -7.69
CA PRO D 21 22.35 -5.97 -6.75
C PRO D 21 21.98 -6.33 -5.32
N GLN D 22 20.97 -7.18 -5.15
CA GLN D 22 20.59 -7.58 -3.80
C GLN D 22 21.73 -8.35 -3.10
N SER D 23 22.42 -9.24 -3.83
CA SER D 23 23.47 -10.03 -3.19
C SER D 23 24.66 -9.14 -2.85
N VAL D 24 24.83 -8.06 -3.60
CA VAL D 24 25.89 -7.10 -3.32
C VAL D 24 25.61 -6.36 -2.02
N LEU D 25 24.41 -5.77 -1.91
CA LEU D 25 23.99 -5.13 -0.67
C LEU D 25 24.18 -6.05 0.53
N GLU D 26 23.71 -7.28 0.43
CA GLU D 26 23.79 -8.21 1.55
C GLU D 26 25.24 -8.58 1.89
N ALA D 27 26.08 -8.70 0.86
CA ALA D 27 27.49 -8.99 1.10
C ALA D 27 28.15 -7.82 1.81
N ILE D 28 27.86 -6.59 1.39
CA ILE D 28 28.48 -5.45 2.03
C ILE D 28 28.02 -5.34 3.49
N ASP D 29 26.73 -5.50 3.71
CA ASP D 29 26.20 -5.32 5.06
C ASP D 29 26.72 -6.41 5.98
N THR D 30 26.85 -7.62 5.43
CA THR D 30 27.44 -8.74 6.18
C THR D 30 28.86 -8.40 6.61
N TYR D 31 29.65 -7.93 5.66
CA TYR D 31 31.04 -7.59 5.92
C TYR D 31 31.19 -6.55 7.02
N CYS D 32 30.38 -5.49 6.95
CA CYS D 32 30.52 -4.38 7.87
C CYS D 32 29.87 -4.69 9.21
N THR D 33 29.03 -5.72 9.26
CA THR D 33 28.40 -6.15 10.50
C THR D 33 29.29 -7.19 11.20
N GLN D 34 30.01 -7.98 10.43
CA GLN D 34 30.78 -9.08 11.00
C GLN D 34 32.29 -8.83 11.09
N LYS D 35 32.86 -8.11 10.12
CA LYS D 35 34.32 -8.00 10.08
C LYS D 35 34.84 -6.61 10.43
N GLU D 36 34.41 -5.58 9.71
CA GLU D 36 34.83 -4.24 10.07
C GLU D 36 33.86 -3.18 9.58
N TRP D 37 33.63 -2.25 10.49
CA TRP D 37 32.72 -1.16 10.31
C TRP D 37 33.14 -0.32 9.12
N ALA D 38 32.16 0.22 8.42
CA ALA D 38 32.42 1.20 7.37
C ALA D 38 31.31 2.22 7.35
N MET D 39 31.62 3.44 6.91
CA MET D 39 30.60 4.47 6.68
C MET D 39 29.56 4.11 5.62
N ASN D 40 28.39 4.73 5.74
CA ASN D 40 27.46 4.84 4.62
C ASN D 40 26.96 3.50 4.12
N VAL D 41 26.86 2.54 5.03
CA VAL D 41 26.18 1.29 4.74
C VAL D 41 25.09 1.09 5.78
N GLY D 42 24.27 0.05 5.62
CA GLY D 42 23.29 -0.28 6.63
C GLY D 42 21.90 -0.53 6.06
N ASP D 43 21.43 -1.76 6.26
CA ASP D 43 20.18 -2.18 5.64
C ASP D 43 18.97 -1.44 6.22
N ALA D 44 19.02 -1.14 7.52
CA ALA D 44 17.91 -0.44 8.16
C ALA D 44 17.69 0.93 7.51
N LYS D 45 18.76 1.72 7.42
CA LYS D 45 18.69 2.96 6.65
C LYS D 45 18.34 2.69 5.19
N GLY D 46 18.90 1.61 4.64
CA GLY D 46 18.63 1.20 3.28
C GLY D 46 17.14 1.04 3.03
N GLN D 47 16.42 0.50 4.02
CA GLN D 47 14.98 0.29 3.93
C GLN D 47 14.23 1.60 3.72
N ILE D 48 14.61 2.60 4.50
CA ILE D 48 13.99 3.91 4.40
C ILE D 48 14.27 4.49 3.01
N MET D 49 15.52 4.36 2.55
CA MET D 49 15.86 4.79 1.20
C MET D 49 15.03 4.10 0.13
N ASP D 50 14.88 2.78 0.23
CA ASP D 50 14.09 2.02 -0.72
C ASP D 50 12.66 2.58 -0.78
N ALA D 51 12.11 2.85 0.40
CA ALA D 51 10.73 3.30 0.50
C ALA D 51 10.54 4.66 -0.16
N VAL D 52 11.54 5.53 -0.01
CA VAL D 52 11.48 6.86 -0.62
C VAL D 52 11.54 6.77 -2.15
N ILE D 53 12.51 6.01 -2.64
CA ILE D 53 12.65 5.78 -4.08
C ILE D 53 11.34 5.21 -4.67
N ARG D 54 10.76 4.24 -3.97
CA ARG D 54 9.51 3.63 -4.43
C ARG D 54 8.34 4.61 -4.37
N GLU D 55 8.26 5.42 -3.32
CA GLU D 55 7.17 6.38 -3.20
C GLU D 55 7.24 7.46 -4.29
N TYR D 56 8.44 7.92 -4.62
CA TYR D 56 8.55 9.07 -5.52
C TYR D 56 9.02 8.75 -6.94
N SER D 57 9.38 7.48 -7.18
CA SER D 57 9.85 7.02 -8.50
C SER D 57 10.66 8.03 -9.31
N PRO D 58 11.78 8.52 -8.75
CA PRO D 58 12.51 9.60 -9.43
C PRO D 58 13.15 9.17 -10.76
N SER D 59 13.21 10.08 -11.71
CA SER D 59 13.87 9.81 -12.99
C SER D 59 15.33 10.24 -12.96
N LEU D 60 15.63 11.26 -12.17
CA LEU D 60 17.00 11.72 -12.06
C LEU D 60 17.33 11.95 -10.60
N VAL D 61 18.36 11.24 -10.13
CA VAL D 61 18.78 11.29 -8.74
C VAL D 61 20.23 11.74 -8.63
N LEU D 62 20.49 12.64 -7.69
CA LEU D 62 21.85 13.05 -7.36
C LEU D 62 22.20 12.53 -5.97
N GLU D 63 23.31 11.79 -5.89
CA GLU D 63 23.86 11.38 -4.61
C GLU D 63 25.13 12.18 -4.31
N LEU D 64 25.25 12.68 -3.08
CA LEU D 64 26.51 13.30 -2.60
C LEU D 64 27.18 12.38 -1.60
N GLY D 65 28.36 11.86 -1.94
CA GLY D 65 29.16 11.05 -1.04
C GLY D 65 29.04 9.54 -1.27
N ALA D 66 29.42 9.08 -2.46
CA ALA D 66 29.23 7.67 -2.85
C ALA D 66 29.99 6.68 -1.96
N TYR D 67 31.18 7.10 -1.51
CA TYR D 67 32.11 6.26 -0.76
C TYR D 67 32.44 4.98 -1.55
N CYS D 68 31.93 3.81 -1.13
CA CYS D 68 32.21 2.55 -1.83
C CYS D 68 31.12 2.08 -2.77
N GLY D 69 30.00 2.79 -2.78
CA GLY D 69 28.94 2.50 -3.74
C GLY D 69 27.76 1.76 -3.17
N TYR D 70 27.69 1.58 -1.86
CA TYR D 70 26.56 0.87 -1.29
C TYR D 70 25.23 1.58 -1.63
N SER D 71 25.16 2.87 -1.35
CA SER D 71 23.92 3.60 -1.60
C SER D 71 23.62 3.73 -3.08
N ALA D 72 24.67 3.86 -3.91
CA ALA D 72 24.48 3.91 -5.35
C ALA D 72 23.84 2.61 -5.86
N VAL D 73 24.32 1.48 -5.34
CA VAL D 73 23.72 0.19 -5.68
C VAL D 73 22.28 0.10 -5.16
N ARG D 74 22.12 0.53 -3.92
CA ARG D 74 20.83 0.54 -3.25
C ARG D 74 19.77 1.23 -4.12
N MET D 75 20.04 2.47 -4.51
CA MET D 75 19.11 3.27 -5.29
C MET D 75 19.01 2.85 -6.77
N ALA D 76 20.14 2.69 -7.44
CA ALA D 76 20.13 2.36 -8.87
C ALA D 76 19.32 1.10 -9.16
N ARG D 77 19.37 0.12 -8.26
CA ARG D 77 18.69 -1.14 -8.51
C ARG D 77 17.17 -0.93 -8.59
N LEU D 78 16.68 0.17 -8.03
CA LEU D 78 15.25 0.39 -7.97
C LEU D 78 14.80 1.40 -9.02
N LEU D 79 15.76 2.01 -9.73
CA LEU D 79 15.42 2.96 -10.77
C LEU D 79 14.80 2.27 -12.01
N GLN D 80 13.76 2.88 -12.55
CA GLN D 80 13.10 2.44 -13.77
C GLN D 80 14.04 2.56 -14.95
N PRO D 81 13.73 1.88 -16.07
CA PRO D 81 14.57 2.07 -17.26
C PRO D 81 14.55 3.54 -17.72
N GLY D 82 15.71 4.05 -18.14
CA GLY D 82 15.82 5.44 -18.53
C GLY D 82 16.14 6.39 -17.37
N ALA D 83 15.87 5.96 -16.15
CA ALA D 83 16.21 6.76 -14.99
C ALA D 83 17.71 6.71 -14.75
N ARG D 84 18.27 7.77 -14.17
CA ARG D 84 19.70 7.87 -13.96
C ARG D 84 20.03 8.32 -12.54
N LEU D 85 21.13 7.79 -12.04
CA LEU D 85 21.75 8.30 -10.82
C LEU D 85 23.05 9.01 -11.20
N LEU D 86 23.22 10.20 -10.65
CA LEU D 86 24.52 10.86 -10.68
C LEU D 86 25.06 10.80 -9.27
N THR D 87 26.28 10.35 -9.10
CA THR D 87 26.81 10.29 -7.75
C THR D 87 28.17 10.96 -7.72
N MET D 88 28.35 11.81 -6.73
CA MET D 88 29.61 12.53 -6.57
C MET D 88 30.42 11.95 -5.43
N GLU D 89 31.73 11.82 -5.65
CA GLU D 89 32.63 11.24 -4.66
C GLU D 89 33.95 11.96 -4.74
N ILE D 90 34.36 12.58 -3.63
CA ILE D 90 35.50 13.45 -3.69
C ILE D 90 36.84 12.71 -3.71
N ASN D 91 36.92 11.48 -3.18
CA ASN D 91 38.20 10.77 -3.15
C ASN D 91 38.34 9.87 -4.36
N PRO D 92 39.39 10.06 -5.17
CA PRO D 92 39.49 9.32 -6.43
C PRO D 92 39.53 7.80 -6.26
N ASP D 93 40.14 7.33 -5.19
CA ASP D 93 40.23 5.88 -4.98
C ASP D 93 38.86 5.31 -4.63
N CYS D 94 38.10 6.01 -3.78
CA CYS D 94 36.74 5.59 -3.48
C CYS D 94 35.88 5.66 -4.73
N ALA D 95 36.11 6.67 -5.56
CA ALA D 95 35.38 6.77 -6.82
C ALA D 95 35.63 5.51 -7.67
N ALA D 96 36.88 5.05 -7.71
CA ALA D 96 37.21 3.85 -8.48
C ALA D 96 36.48 2.63 -7.91
N ILE D 97 36.51 2.50 -6.59
CA ILE D 97 35.80 1.39 -5.92
C ILE D 97 34.31 1.43 -6.27
N THR D 98 33.69 2.59 -6.13
CA THR D 98 32.27 2.74 -6.44
C THR D 98 31.97 2.28 -7.87
N GLN D 99 32.87 2.56 -8.81
CA GLN D 99 32.63 2.13 -10.20
CA GLN D 99 32.67 2.14 -10.19
C GLN D 99 32.70 0.62 -10.36
N GLN D 100 33.72 -0.01 -9.76
CA GLN D 100 33.85 -1.46 -9.80
CA GLN D 100 33.84 -1.47 -9.80
C GLN D 100 32.65 -2.12 -9.11
N MET D 101 32.21 -1.52 -8.02
CA MET D 101 31.09 -2.04 -7.24
C MET D 101 29.82 -2.09 -8.11
N LEU D 102 29.57 -0.99 -8.84
CA LEU D 102 28.39 -0.88 -9.69
C LEU D 102 28.49 -1.77 -10.93
N ASN D 103 29.68 -1.80 -11.51
CA ASN D 103 30.00 -2.73 -12.58
C ASN D 103 29.64 -4.17 -12.17
N PHE D 104 30.21 -4.62 -11.05
CA PHE D 104 29.94 -5.98 -10.57
C PHE D 104 28.44 -6.20 -10.41
N ALA D 105 27.74 -5.19 -9.89
CA ALA D 105 26.29 -5.27 -9.65
C ALA D 105 25.45 -5.27 -10.93
N GLY D 106 26.04 -4.87 -12.06
CA GLY D 106 25.30 -4.81 -13.31
C GLY D 106 24.52 -3.51 -13.47
N LEU D 107 24.87 -2.52 -12.66
CA LEU D 107 24.13 -1.25 -12.63
C LEU D 107 24.89 -0.12 -13.29
N GLN D 108 26.01 -0.44 -13.93
CA GLN D 108 26.92 0.61 -14.41
C GLN D 108 26.31 1.55 -15.48
N ASP D 109 25.32 1.08 -16.23
CA ASP D 109 24.63 1.91 -17.23
C ASP D 109 23.61 2.88 -16.63
N LYS D 110 23.25 2.69 -15.36
CA LYS D 110 22.27 3.55 -14.69
C LYS D 110 22.92 4.73 -13.98
N VAL D 111 24.24 4.69 -13.89
CA VAL D 111 24.96 5.54 -12.94
C VAL D 111 26.13 6.26 -13.59
N THR D 112 26.22 7.55 -13.33
CA THR D 112 27.38 8.33 -13.73
C THR D 112 28.13 8.74 -12.46
N ILE D 113 29.41 8.37 -12.36
CA ILE D 113 30.19 8.76 -11.19
C ILE D 113 31.01 9.99 -11.49
N LEU D 114 30.84 11.00 -10.65
CA LEU D 114 31.64 12.22 -10.76
C LEU D 114 32.61 12.30 -9.59
N ASN D 115 33.89 12.41 -9.93
CA ASN D 115 34.93 12.53 -8.93
C ASN D 115 35.29 14.00 -8.76
N GLY D 116 34.96 14.57 -7.60
CA GLY D 116 35.23 15.97 -7.31
C GLY D 116 34.50 16.45 -6.07
N ALA D 117 34.79 17.67 -5.62
CA ALA D 117 34.04 18.27 -4.51
C ALA D 117 32.66 18.71 -4.99
N SER D 118 31.65 18.51 -4.15
CA SER D 118 30.28 18.82 -4.52
C SER D 118 30.10 20.27 -4.99
N GLN D 119 30.73 21.20 -4.31
CA GLN D 119 30.52 22.62 -4.66
C GLN D 119 31.17 22.98 -6.01
N ASP D 120 32.14 22.17 -6.47
CA ASP D 120 32.71 22.38 -7.80
C ASP D 120 31.86 21.71 -8.90
N LEU D 121 31.25 20.57 -8.58
CA LEU D 121 30.53 19.77 -9.57
C LEU D 121 29.06 20.16 -9.74
N ILE D 122 28.40 20.54 -8.64
CA ILE D 122 26.99 20.92 -8.71
C ILE D 122 26.71 22.01 -9.77
N PRO D 123 27.52 23.10 -9.83
CA PRO D 123 27.17 24.09 -10.86
C PRO D 123 27.53 23.68 -12.30
N GLN D 124 27.98 22.44 -12.52
CA GLN D 124 28.30 21.95 -13.87
C GLN D 124 27.27 20.98 -14.39
N LEU D 125 26.34 20.58 -13.53
CA LEU D 125 25.39 19.55 -13.90
C LEU D 125 24.56 19.94 -15.12
N LYS D 126 24.06 21.18 -15.16
CA LYS D 126 23.23 21.62 -16.28
C LYS D 126 24.05 21.59 -17.57
N LYS D 127 25.21 22.23 -17.54
CA LYS D 127 26.02 22.38 -18.75
C LYS D 127 26.63 21.06 -19.22
N LYS D 128 27.25 20.32 -18.30
CA LYS D 128 28.04 19.17 -18.70
C LYS D 128 27.25 17.88 -18.73
N TYR D 129 26.27 17.73 -17.86
CA TYR D 129 25.63 16.43 -17.73
C TYR D 129 24.17 16.45 -18.13
N ASP D 130 23.81 17.46 -18.92
CA ASP D 130 22.48 17.52 -19.51
C ASP D 130 21.39 17.44 -18.46
N VAL D 131 21.57 18.17 -17.37
CA VAL D 131 20.57 18.14 -16.32
C VAL D 131 19.66 19.36 -16.43
N ASP D 132 18.36 19.17 -16.30
CA ASP D 132 17.44 20.29 -16.11
C ASP D 132 17.25 20.47 -14.62
N THR D 133 16.38 19.65 -14.03
CA THR D 133 16.14 19.70 -12.60
C THR D 133 16.24 18.30 -12.00
N LEU D 134 16.49 18.23 -10.70
CA LEU D 134 16.68 16.95 -10.03
C LEU D 134 15.38 16.50 -9.41
N ASP D 135 15.11 15.20 -9.51
CA ASP D 135 13.92 14.63 -8.88
C ASP D 135 14.18 14.29 -7.43
N MET D 136 15.42 13.96 -7.12
CA MET D 136 15.77 13.54 -5.77
C MET D 136 17.27 13.72 -5.48
N VAL D 137 17.56 14.13 -4.25
CA VAL D 137 18.93 14.32 -3.81
C VAL D 137 19.16 13.49 -2.58
N PHE D 138 20.22 12.69 -2.56
CA PHE D 138 20.61 11.97 -1.37
C PHE D 138 21.92 12.54 -0.83
N LEU D 139 21.89 13.02 0.40
CA LEU D 139 23.04 13.68 1.00
C LEU D 139 23.68 12.79 2.05
N ASP D 140 24.90 12.32 1.80
CA ASP D 140 25.60 11.48 2.78
C ASP D 140 27.12 11.74 2.73
N HIS D 141 27.48 12.98 2.41
CA HIS D 141 28.89 13.37 2.35
C HIS D 141 29.31 14.12 3.64
N TRP D 142 30.21 15.10 3.53
CA TRP D 142 30.64 15.88 4.71
C TRP D 142 29.46 16.66 5.30
N LYS D 143 29.24 16.50 6.60
CA LYS D 143 28.02 16.99 7.23
C LYS D 143 27.91 18.52 7.19
N ASP D 144 29.01 19.24 7.39
CA ASP D 144 28.96 20.69 7.32
C ASP D 144 28.67 21.22 5.90
N ARG D 145 28.55 20.32 4.93
CA ARG D 145 28.25 20.74 3.56
C ARG D 145 26.79 20.54 3.13
N TYR D 146 25.99 19.84 3.94
CA TYR D 146 24.58 19.65 3.58
C TYR D 146 23.86 20.98 3.32
N LEU D 147 23.99 21.95 4.23
CA LEU D 147 23.31 23.24 4.06
C LEU D 147 23.85 24.05 2.86
N PRO D 148 25.18 24.30 2.79
CA PRO D 148 25.58 25.13 1.64
C PRO D 148 25.37 24.45 0.29
N ASP D 149 25.44 23.11 0.23
CA ASP D 149 25.19 22.42 -1.04
C ASP D 149 23.70 22.46 -1.39
N THR D 150 22.83 22.38 -0.40
CA THR D 150 21.40 22.56 -0.62
C THR D 150 21.07 23.95 -1.14
N LEU D 151 21.68 24.98 -0.54
CA LEU D 151 21.51 26.34 -1.02
C LEU D 151 22.11 26.49 -2.42
N LEU D 152 23.22 25.80 -2.67
CA LEU D 152 23.88 25.91 -3.97
C LEU D 152 23.01 25.27 -5.06
N LEU D 153 22.40 24.13 -4.73
CA LEU D 153 21.49 23.44 -5.65
C LEU D 153 20.29 24.32 -6.02
N GLU D 154 19.73 25.01 -5.03
CA GLU D 154 18.62 25.94 -5.28
C GLU D 154 19.08 27.13 -6.14
N LYS D 155 20.22 27.71 -5.78
CA LYS D 155 20.90 28.72 -6.59
C LYS D 155 20.97 28.34 -8.05
N CYS D 156 21.38 27.10 -8.30
CA CYS D 156 21.75 26.69 -9.65
C CYS D 156 20.54 26.24 -10.43
N GLY D 157 19.36 26.32 -9.82
CA GLY D 157 18.12 25.99 -10.48
C GLY D 157 17.89 24.50 -10.62
N LEU D 158 18.53 23.72 -9.76
CA LEU D 158 18.48 22.27 -9.89
C LEU D 158 17.32 21.66 -9.07
N LEU D 159 16.67 22.46 -8.25
CA LEU D 159 15.52 21.98 -7.50
C LEU D 159 14.22 22.46 -8.16
N ARG D 160 13.22 21.60 -8.15
CA ARG D 160 11.89 22.01 -8.62
C ARG D 160 10.91 21.64 -7.54
N LYS D 161 9.68 22.16 -7.65
CA LYS D 161 8.67 21.83 -6.67
C LYS D 161 8.41 20.33 -6.65
N GLY D 162 8.52 19.73 -5.47
CA GLY D 162 8.37 18.28 -5.36
C GLY D 162 9.68 17.52 -5.29
N THR D 163 10.80 18.18 -5.58
CA THR D 163 12.11 17.53 -5.45
C THR D 163 12.34 17.05 -4.03
N VAL D 164 12.66 15.77 -3.89
CA VAL D 164 12.89 15.17 -2.58
C VAL D 164 14.38 15.25 -2.21
N LEU D 165 14.71 15.89 -1.10
CA LEU D 165 16.04 15.76 -0.52
C LEU D 165 15.95 14.78 0.63
N LEU D 166 16.89 13.84 0.66
CA LEU D 166 16.95 12.87 1.74
C LEU D 166 18.36 12.92 2.33
N ALA D 167 18.46 13.26 3.61
CA ALA D 167 19.76 13.50 4.24
C ALA D 167 20.03 12.52 5.37
N ASP D 168 21.14 11.79 5.28
CA ASP D 168 21.51 10.81 6.31
C ASP D 168 22.33 11.47 7.42
N ASN D 169 22.43 10.79 8.55
CA ASN D 169 23.25 11.21 9.68
C ASN D 169 22.91 12.63 10.19
N VAL D 170 21.65 13.05 10.09
CA VAL D 170 21.30 14.41 10.56
C VAL D 170 21.29 14.49 12.09
N ILE D 171 21.37 13.35 12.77
CA ILE D 171 21.44 13.34 14.23
C ILE D 171 22.85 12.98 14.74
N VAL D 172 23.42 11.90 14.21
CA VAL D 172 24.79 11.51 14.52
C VAL D 172 25.54 11.28 13.22
N PRO D 173 26.63 12.03 12.99
CA PRO D 173 27.18 13.05 13.89
C PRO D 173 26.35 14.33 13.94
N GLY D 174 25.31 14.41 13.13
CA GLY D 174 24.38 15.52 13.21
C GLY D 174 24.65 16.65 12.24
N THR D 175 23.58 17.23 11.70
CA THR D 175 23.66 18.41 10.85
C THR D 175 22.73 19.51 11.40
N PRO D 176 23.10 20.13 12.53
CA PRO D 176 22.17 21.08 13.15
C PRO D 176 21.81 22.28 12.28
N ASP D 177 22.76 22.88 11.55
CA ASP D 177 22.42 24.05 10.71
C ASP D 177 21.46 23.69 9.58
N PHE D 178 21.70 22.54 8.93
CA PHE D 178 20.83 22.04 7.87
C PHE D 178 19.40 21.81 8.34
N LEU D 179 19.25 21.12 9.47
CA LEU D 179 17.92 20.84 10.01
C LEU D 179 17.13 22.12 10.31
N ALA D 180 17.77 23.06 10.99
CA ALA D 180 17.14 24.31 11.39
C ALA D 180 16.74 25.12 10.16
N TYR D 181 17.53 25.03 9.10
CA TYR D 181 17.18 25.71 7.85
C TYR D 181 15.97 25.07 7.21
N VAL D 182 16.05 23.78 6.89
CA VAL D 182 14.97 23.20 6.10
C VAL D 182 13.67 23.11 6.90
N ARG D 183 13.75 22.83 8.20
CA ARG D 183 12.52 22.74 8.98
C ARG D 183 11.88 24.12 9.13
N GLY D 184 12.71 25.12 9.37
CA GLY D 184 12.24 26.48 9.57
C GLY D 184 11.76 27.14 8.28
N SER D 185 12.28 26.72 7.14
CA SER D 185 11.99 27.39 5.87
C SER D 185 10.72 26.88 5.21
N SER D 186 9.89 27.79 4.70
CA SER D 186 8.66 27.36 4.04
C SER D 186 8.95 26.72 2.68
N SER D 187 10.21 26.73 2.24
CA SER D 187 10.56 26.07 0.99
C SER D 187 10.76 24.55 1.14
N PHE D 188 10.62 24.02 2.34
CA PHE D 188 10.82 22.58 2.53
C PHE D 188 9.79 21.97 3.46
N GLU D 189 9.13 20.92 3.01
CA GLU D 189 8.26 20.16 3.89
C GLU D 189 9.08 19.01 4.44
N CYS D 190 9.23 18.96 5.76
CA CYS D 190 10.21 18.06 6.36
C CYS D 190 9.60 17.01 7.26
N THR D 191 10.05 15.78 7.10
CA THR D 191 9.74 14.70 8.00
C THR D 191 11.03 13.97 8.40
N HIS D 192 11.02 13.35 9.57
CA HIS D 192 12.22 12.76 10.14
C HIS D 192 12.08 11.26 10.37
N TYR D 193 13.06 10.50 9.91
CA TYR D 193 13.00 9.04 10.00
C TYR D 193 14.05 8.51 10.96
N SER D 194 13.63 8.19 12.16
CA SER D 194 14.54 7.66 13.17
C SER D 194 14.93 6.22 12.88
N SER D 195 16.20 5.92 13.13
CA SER D 195 16.74 4.58 12.96
C SER D 195 18.00 4.45 13.80
N TYR D 196 18.11 3.36 14.55
CA TYR D 196 19.31 3.12 15.34
C TYR D 196 20.46 2.78 14.43
N LEU D 197 21.62 3.39 14.68
CA LEU D 197 22.82 2.99 13.98
C LEU D 197 23.05 1.51 14.26
N GLU D 198 23.38 0.76 13.21
CA GLU D 198 23.42 -0.69 13.35
C GLU D 198 24.74 -1.16 13.96
N TYR D 199 25.73 -0.28 14.08
CA TYR D 199 27.02 -0.66 14.66
C TYR D 199 27.21 -0.22 16.12
N MET D 200 26.34 0.68 16.59
CA MET D 200 26.35 1.04 18.01
C MET D 200 24.96 1.49 18.43
N LYS D 201 24.69 1.43 19.74
CA LYS D 201 23.34 1.63 20.25
C LYS D 201 23.07 3.10 20.48
N VAL D 202 23.03 3.88 19.40
CA VAL D 202 22.66 5.28 19.50
C VAL D 202 21.71 5.64 18.36
N VAL D 203 20.75 6.50 18.64
CA VAL D 203 19.75 6.81 17.65
C VAL D 203 20.33 7.77 16.63
N ASP D 204 19.99 7.54 15.37
CA ASP D 204 20.32 8.51 14.32
C ASP D 204 19.02 8.77 13.56
N GLY D 205 19.11 9.45 12.42
CA GLY D 205 17.95 9.55 11.58
C GLY D 205 18.28 10.17 10.25
N LEU D 206 17.31 10.09 9.36
CA LEU D 206 17.37 10.80 8.10
C LEU D 206 16.32 11.86 8.10
N GLU D 207 16.60 12.98 7.41
CA GLU D 207 15.56 13.96 7.19
C GLU D 207 15.11 13.88 5.74
N LYS D 208 13.81 13.86 5.53
CA LYS D 208 13.26 14.04 4.19
C LYS D 208 12.74 15.47 4.08
N ALA D 209 13.24 16.20 3.09
CA ALA D 209 12.80 17.59 2.92
C ALA D 209 12.33 17.77 1.48
N ILE D 210 11.04 18.05 1.33
CA ILE D 210 10.45 18.21 0.03
C ILE D 210 10.42 19.69 -0.35
N TYR D 211 11.12 20.02 -1.42
CA TYR D 211 11.22 21.40 -1.85
C TYR D 211 9.85 21.88 -2.35
N GLN D 212 9.44 23.07 -1.89
CA GLN D 212 8.11 23.59 -2.20
C GLN D 212 8.19 24.72 -3.22
N GLY D 213 9.39 25.05 -3.66
CA GLY D 213 9.61 26.24 -4.48
C GLY D 213 10.26 27.32 -3.64
N PRO D 214 10.86 28.31 -4.30
CA PRO D 214 11.64 29.31 -3.57
C PRO D 214 10.79 30.23 -2.69
N SER D 215 11.44 30.87 -1.71
CA SER D 215 10.81 31.87 -0.86
C SER D 215 10.24 33.02 -1.69
N SER D 216 9.17 33.64 -1.21
CA SER D 216 8.47 34.65 -1.99
C SER D 216 8.80 36.09 -1.58
N PRO D 217 9.01 36.96 -2.58
CA PRO D 217 9.24 38.40 -2.37
C PRO D 217 8.10 39.10 -1.60
N ASP D 218 8.43 40.16 -0.88
CA ASP D 218 7.45 40.99 -0.19
C ASP D 218 6.46 41.62 -1.18
N LYS D 219 5.18 41.66 -0.82
CA LYS D 219 4.14 42.16 -1.72
C LYS D 219 3.72 43.62 -1.48
MG MG E . -12.71 -4.20 4.74
C01 6P2 F . -16.22 -4.91 10.65
C02 6P2 F . -15.69 -5.77 11.74
C05 6P2 F . -16.81 -10.48 13.37
C06 6P2 F . -17.83 -11.47 13.30
C10 6P2 F . -19.20 -11.21 12.81
C11 6P2 F . -16.87 -9.03 12.99
C15 6P2 F . -15.80 -8.30 12.49
C16 6P2 F . -14.16 -5.83 11.93
C17 6P2 F . -13.38 -6.20 10.84
C18 6P2 F . -11.97 -6.25 10.96
C19 6P2 F . -11.39 -5.93 12.14
C20 6P2 F . -12.19 -5.54 13.23
C21 6P2 F . -13.58 -5.48 13.12
C23 6P2 F . -9.41 -5.84 13.50
C03 6P2 F . -16.30 -4.46 12.09
S04 6P2 F . -15.42 -11.23 13.98
N07 6P2 F . -17.44 -12.70 13.73
C08 6P2 F . -16.13 -12.76 14.15
C09 6P2 F . -15.42 -13.97 14.68
N12 6P2 F . -17.92 -8.24 13.09
N13 6P2 F . -17.58 -7.06 12.68
C14 6P2 F . -16.35 -7.01 12.31
O22 6P2 F . -10.04 -5.98 12.23
C3' NHE G . -15.56 -1.66 17.54
C2' NHE G . -15.49 -0.18 17.36
C1' NHE G . -14.12 0.21 16.89
C6' NHE G . -13.84 -0.50 15.58
N NHE G . -14.02 1.66 16.76
C1 NHE G . -12.64 2.09 16.47
C2 NHE G . -12.57 2.62 15.07
S NHE G . -10.96 3.31 14.71
O1 NHE G . -10.90 4.63 15.23
O2 NHE G . -9.87 2.49 15.26
O3 NHE G . -10.85 3.51 13.30
C5' NHE G . -13.90 -1.98 15.78
C4' NHE G . -15.27 -2.35 16.24
K K H . -9.90 -23.15 -6.85
MG MG I . -13.27 -3.76 -27.31
C01 6P2 J . -10.91 -0.42 -32.63
C02 6P2 J . -10.82 -1.05 -33.97
C05 6P2 J . -6.92 -3.28 -36.46
C06 6P2 J . -5.51 -3.38 -36.52
C10 6P2 J . -4.56 -2.49 -35.81
C11 6P2 J . -7.82 -2.30 -35.73
C15 6P2 J . -9.10 -2.59 -35.25
C16 6P2 J . -11.93 -2.06 -34.28
C17 6P2 J . -12.13 -3.11 -33.40
C18 6P2 J . -13.15 -4.06 -33.66
C19 6P2 J . -13.92 -3.92 -34.75
C20 6P2 J . -13.71 -2.84 -35.63
C21 6P2 J . -12.71 -1.90 -35.39
C23 6P2 J . -15.48 -4.90 -36.28
C03 6P2 J . -11.25 0.38 -33.86
S04 6P2 J . -7.55 -4.51 -37.41
N07 6P2 J . -5.07 -4.41 -37.30
C08 6P2 J . -6.06 -5.15 -37.89
C09 6P2 J . -5.83 -6.32 -38.80
N12 6P2 J . -7.55 -1.02 -35.49
N13 6P2 J . -8.57 -0.50 -34.87
C14 6P2 J . -9.53 -1.36 -34.69
O22 6P2 J . -14.90 -4.82 -34.98
C3' NHE K . -13.10 -5.92 -42.20
C2' NHE K . -12.99 -7.32 -41.68
C1' NHE K . -13.26 -7.35 -40.21
C6' NHE K . -14.66 -6.85 -39.98
N NHE K . -13.09 -8.70 -39.70
C1 NHE K . -13.12 -8.69 -38.24
C2 NHE K . -14.20 -9.62 -37.77
S NHE K . -14.15 -9.79 -36.00
O1 NHE K . -13.32 -10.92 -35.66
O2 NHE K . -15.42 -10.20 -35.49
O3 NHE K . -13.67 -8.55 -35.36
C5' NHE K . -14.76 -5.43 -40.45
C4' NHE K . -14.42 -5.32 -41.90
K K L . -1.77 -22.31 -21.05
MG MG M . -0.77 0.10 15.79
C01 6P2 N . -4.79 -3.76 19.68
C02 6P2 N . -6.24 -3.44 19.86
C05 6P2 N . -8.90 -0.93 23.44
C06 6P2 N . -8.82 -0.44 24.78
C10 6P2 N . -7.77 -0.86 25.74
C11 6P2 N . -8.03 -1.92 22.70
C15 6P2 N . -7.72 -1.84 21.34
C16 6P2 N . -6.99 -2.93 18.64
C17 6P2 N . -6.48 -1.84 17.93
C18 6P2 N . -7.16 -1.34 16.81
C19 6P2 N . -8.30 -1.94 16.40
C20 6P2 N . -8.81 -3.05 17.11
C21 6P2 N . -8.15 -3.54 18.23
C23 6P2 N . -9.85 -2.30 14.62
C03 6P2 N . -5.80 -4.88 19.78
S04 6P2 N . -10.23 -0.19 22.72
N07 6P2 N . -9.79 0.45 25.11
C08 6P2 N . -10.68 0.71 24.08
C09 6P2 N . -11.85 1.64 24.16
N12 6P2 N . -7.45 -2.99 23.21
N13 6P2 N . -6.80 -3.62 22.27
C14 6P2 N . -6.92 -2.99 21.14
O22 6P2 N . -8.96 -1.46 15.33
C3' NHE O . -5.37 0.02 6.87
C2' NHE O . -4.25 0.37 7.81
C1' NHE O . -4.11 -0.69 8.86
C6' NHE O . -3.78 -1.98 8.18
N NHE O . -3.11 -0.33 9.86
C1 NHE O . -3.41 -1.03 11.11
C2 NHE O . -2.58 -0.51 12.28
S NHE O . -0.93 -1.19 12.26
O1 NHE O . -0.87 -2.50 11.67
O2 NHE O . -0.45 -1.45 13.60
O3 NHE O . -0.01 -0.26 11.56
C5' NHE O . -4.89 -2.36 7.25
C4' NHE O . -5.09 -1.31 6.22
C3' NHE P . -8.48 -7.69 17.17
C2' NHE P . -8.74 -8.63 16.03
C1' NHE P . -8.45 -10.02 16.51
C6' NHE P . -9.41 -10.36 17.60
N NHE P . -8.41 -11.06 15.47
C1 NHE P . -8.41 -10.55 14.10
C2 NHE P . -7.01 -10.45 13.56
S NHE P . -7.08 -10.16 11.80
O1 NHE P . -7.01 -11.38 11.06
O2 NHE P . -8.27 -9.37 11.46
O3 NHE P . -5.89 -9.46 11.38
C5' NHE P . -9.27 -9.42 18.76
C4' NHE P . -9.38 -7.98 18.33
K K Q . 1.08 21.88 21.07
MG MG R . 26.94 8.38 6.48
C01 6P2 S . 31.47 9.24 1.95
C02 6P2 S . 32.36 10.44 1.95
C05 6P2 S . 32.37 14.84 -0.60
C06 6P2 S . 31.88 15.44 -1.79
C10 6P2 S . 31.30 14.68 -2.92
C11 6P2 S . 32.42 13.37 -0.25
C15 6P2 S . 32.32 12.89 1.06
C16 6P2 S . 32.75 10.99 3.33
C17 6P2 S . 31.73 11.37 4.20
C18 6P2 S . 32.06 11.86 5.48
C19 6P2 S . 33.34 11.97 5.87
C20 6P2 S . 34.38 11.59 4.97
C21 6P2 S . 34.07 11.10 3.71
C23 6P2 S . 34.61 11.85 7.89
C03 6P2 S . 32.94 9.11 1.61
S04 6P2 S . 32.93 16.07 0.41
N07 6P2 S . 31.98 16.80 -1.79
C08 6P2 S . 32.56 17.33 -0.66
C09 6P2 S . 32.77 18.80 -0.44
N12 6P2 S . 32.59 12.37 -1.07
N13 6P2 S . 32.57 11.26 -0.38
C14 6P2 S . 32.42 11.50 0.89
O22 6P2 S . 33.60 12.46 7.09
C3' NHE T . 31.35 6.87 15.26
C2' NHE T . 31.13 6.80 13.78
C1' NHE T . 30.04 7.73 13.33
C6' NHE T . 30.24 9.11 13.88
N NHE T . 30.01 7.76 11.86
C1 NHE T . 28.74 8.27 11.34
C2 NHE T . 28.62 8.09 9.83
S NHE T . 27.87 6.52 9.39
O1 NHE T . 26.70 6.24 10.18
O2 NHE T . 28.75 5.43 9.75
O3 NHE T . 27.55 6.49 7.96
C5' NHE T . 30.53 9.11 15.36
C4' NHE T . 31.71 8.25 15.65
C3' NHE U . 37.32 15.38 7.17
C2' NHE U . 36.04 16.12 6.93
C1' NHE U . 36.32 17.58 7.07
C6' NHE U . 37.22 17.99 5.95
N NHE U . 35.13 18.47 7.16
C1 NHE U . 33.86 17.76 7.32
C2 NHE U . 33.52 17.70 8.79
S NHE U . 31.95 16.95 9.09
O1 NHE U . 30.89 17.91 9.05
O2 NHE U . 31.92 16.50 10.46
O3 NHE U . 31.69 15.80 8.20
C5' NHE U . 38.55 17.29 6.12
C4' NHE U . 38.39 15.80 6.20
K K V . 10.16 23.60 6.55
#